data_3LJP
#
_entry.id   3LJP
#
_cell.length_a   87.040
_cell.length_b   87.040
_cell.length_c   353.067
_cell.angle_alpha   90.00
_cell.angle_beta   90.00
_cell.angle_gamma   90.00
#
_symmetry.space_group_name_H-M   'P 43 21 2'
#
loop_
_entity.id
_entity.type
_entity.pdbx_description
1 polymer 'Choline oxidase'
2 non-polymer 'DIHYDROFLAVINE-ADENINE DINUCLEOTIDE'
3 water water
#
_entity_poly.entity_id   1
_entity_poly.type   'polypeptide(L)'
_entity_poly.pdbx_seq_one_letter_code
;MHIDNIENLSDREFDYIVVGGGSAGAAVAARLSEDPAVSVALVEAGPDDRGVPEVLQLDRWMELLESGYDWDYPIEPQEN
GNSFMRHARAKVMGGCSSHNSCIAFWAPREDLDEWEAKYGATGWNAEAAWPLYKRLETNEDAGPDAPHHGDSGPVHLMNV
PPKDPTGVALLDACEQAGIPRAKFNTGTTVVNGANFFQINRRADGTRSSSSVSYIHPIVEQENFTLLTGLRARQLVFDAD
RRCTGVDIVDSAFGHTHRLTARNEVVLSTGAIDTPKLLMLSGIGPAAHLAEHGIEVLVDSPGVGEHLQDHPEGVVQFEAK
QPMVAESTQWWEIGIFTPTEDGLDRPDLMMHYGSVPFDMNTLRHGYPTTENGFSLTPNVTHARSRGTVRLRSRDFRDKPM
VDPRYFTDPEGHDMRVMVAGIRKAREIAAQPAMAEWTGRELSPGVEAQTDEELQDYIRKTHNTAYHPVGTVRMGAVEDEM
SPLDPELRVKGVTGLRVADASVMPEHVTVNPNITVMMIGERCADLIRSARAGETTTADAELSAALA
;
_entity_poly.pdbx_strand_id   A,B
#
loop_
_chem_comp.id
_chem_comp.type
_chem_comp.name
_chem_comp.formula
FDA non-polymer 'DIHYDROFLAVINE-ADENINE DINUCLEOTIDE' 'C27 H35 N9 O15 P2'
#
# COMPACT_ATOMS: atom_id res chain seq x y z
N MET A 1 -13.93 -26.90 2.32
CA MET A 1 -13.05 -26.61 1.14
C MET A 1 -12.58 -25.18 1.10
N HIS A 2 -11.43 -24.99 0.47
CA HIS A 2 -10.91 -23.68 0.20
C HIS A 2 -11.39 -23.24 -1.17
N ILE A 3 -12.05 -22.09 -1.27
CA ILE A 3 -12.50 -21.51 -2.54
C ILE A 3 -11.80 -20.12 -2.72
N ASP A 4 -10.90 -20.03 -3.72
CA ASP A 4 -10.28 -18.74 -4.06
C ASP A 4 -10.83 -18.18 -5.39
N ASN A 5 -11.86 -18.80 -5.92
CA ASN A 5 -12.50 -18.27 -7.10
C ASN A 5 -13.98 -18.46 -6.95
N ILE A 6 -14.70 -17.37 -6.69
CA ILE A 6 -16.15 -17.45 -6.38
C ILE A 6 -16.95 -18.16 -7.47
N GLU A 7 -16.46 -18.16 -8.70
CA GLU A 7 -17.16 -18.80 -9.81
C GLU A 7 -17.23 -20.34 -9.57
N ASN A 8 -16.31 -20.84 -8.74
CA ASN A 8 -16.29 -22.25 -8.34
C ASN A 8 -17.31 -22.66 -7.27
N LEU A 9 -17.86 -21.68 -6.55
CA LEU A 9 -18.90 -21.90 -5.54
C LEU A 9 -20.35 -21.94 -6.11
N SER A 10 -21.02 -23.07 -6.00
CA SER A 10 -22.38 -23.12 -6.53
C SER A 10 -23.47 -22.76 -5.52
N ASP A 11 -23.39 -23.31 -4.31
CA ASP A 11 -24.37 -23.02 -3.26
C ASP A 11 -23.75 -21.87 -2.47
N ARG A 12 -24.45 -20.74 -2.44
CA ARG A 12 -23.95 -19.56 -1.78
C ARG A 12 -24.73 -19.27 -0.53
N GLU A 13 -25.46 -20.27 -0.07
CA GLU A 13 -26.26 -20.17 1.16
C GLU A 13 -25.64 -21.06 2.27
N PHE A 14 -25.51 -20.52 3.47
CA PHE A 14 -24.91 -21.26 4.60
C PHE A 14 -25.79 -21.10 5.82
N ASP A 15 -25.57 -21.88 6.87
CA ASP A 15 -26.16 -21.49 8.16
C ASP A 15 -25.53 -20.19 8.74
N TYR A 16 -24.21 -20.13 8.79
CA TYR A 16 -23.51 -18.98 9.38
C TYR A 16 -22.47 -18.48 8.41
N ILE A 17 -22.31 -17.16 8.36
CA ILE A 17 -21.23 -16.56 7.64
C ILE A 17 -20.39 -15.73 8.59
N VAL A 18 -19.08 -15.97 8.63
CA VAL A 18 -18.17 -15.15 9.47
C VAL A 18 -17.37 -14.35 8.47
N VAL A 19 -17.43 -13.02 8.61
CA VAL A 19 -16.74 -12.15 7.72
C VAL A 19 -15.44 -11.65 8.40
N GLY A 20 -14.29 -12.09 7.91
CA GLY A 20 -12.99 -11.64 8.39
C GLY A 20 -12.33 -12.81 9.10
N GLY A 21 -11.27 -13.35 8.53
CA GLY A 21 -10.69 -14.56 9.13
C GLY A 21 -9.45 -14.21 9.94
N GLY A 22 -9.66 -13.26 10.86
CA GLY A 22 -8.65 -12.75 11.76
C GLY A 22 -8.59 -13.44 13.11
N SER A 23 -8.07 -12.74 14.13
CA SER A 23 -7.88 -13.42 15.42
C SER A 23 -9.21 -13.97 15.94
N ALA A 24 -10.25 -13.14 15.98
CA ALA A 24 -11.52 -13.61 16.48
C ALA A 24 -12.29 -14.40 15.48
N GLY A 25 -12.30 -13.97 14.22
CA GLY A 25 -13.16 -14.59 13.21
C GLY A 25 -12.82 -16.05 12.92
N ALA A 26 -11.55 -16.37 12.89
CA ALA A 26 -11.13 -17.79 12.61
C ALA A 26 -11.58 -18.66 13.77
N ALA A 27 -11.49 -18.13 14.99
CA ALA A 27 -11.98 -18.80 16.16
C ALA A 27 -13.47 -19.04 16.13
N VAL A 28 -14.24 -18.05 15.76
CA VAL A 28 -15.65 -18.19 15.79
C VAL A 28 -16.04 -19.21 14.78
N ALA A 29 -15.47 -19.13 13.58
CA ALA A 29 -15.85 -20.03 12.50
C ALA A 29 -15.44 -21.51 12.81
N ALA A 30 -14.20 -21.74 13.20
CA ALA A 30 -13.77 -23.04 13.65
C ALA A 30 -14.73 -23.56 14.70
N ARG A 31 -15.07 -22.75 15.71
CA ARG A 31 -15.84 -23.32 16.77
C ARG A 31 -17.29 -23.60 16.29
N LEU A 32 -17.86 -22.73 15.46
CA LEU A 32 -19.20 -23.02 14.92
C LEU A 32 -19.26 -24.29 14.08
N SER A 33 -18.17 -24.59 13.39
CA SER A 33 -18.14 -25.69 12.47
C SER A 33 -18.07 -27.02 13.24
N GLU A 34 -17.84 -26.97 14.54
CA GLU A 34 -17.72 -28.21 15.32
C GLU A 34 -19.01 -29.02 15.37
N ASP A 35 -20.17 -28.34 15.17
CA ASP A 35 -21.46 -29.01 14.94
C ASP A 35 -21.58 -29.45 13.48
N PRO A 36 -21.49 -30.77 13.22
CA PRO A 36 -21.62 -31.25 11.86
C PRO A 36 -23.01 -30.97 11.20
N ALA A 37 -24.03 -30.58 11.95
CA ALA A 37 -25.36 -30.29 11.32
C ALA A 37 -25.47 -28.85 10.80
N VAL A 38 -24.41 -28.09 11.01
CA VAL A 38 -24.39 -26.69 10.64
C VAL A 38 -23.34 -26.45 9.49
N SER A 39 -23.69 -25.62 8.49
CA SER A 39 -22.72 -25.16 7.47
C SER A 39 -22.22 -23.75 7.76
N VAL A 40 -20.90 -23.60 7.67
CA VAL A 40 -20.23 -22.34 8.01
C VAL A 40 -19.38 -21.89 6.83
N ALA A 41 -19.47 -20.61 6.47
CA ALA A 41 -18.54 -19.97 5.53
C ALA A 41 -17.74 -18.92 6.29
N LEU A 42 -16.43 -18.88 6.04
CA LEU A 42 -15.52 -17.86 6.54
C LEU A 42 -15.02 -17.09 5.28
N VAL A 43 -15.34 -15.80 5.19
CA VAL A 43 -14.99 -14.90 4.09
C VAL A 43 -13.86 -13.99 4.47
N GLU A 44 -12.78 -13.94 3.68
CA GLU A 44 -11.58 -13.16 4.03
C GLU A 44 -11.07 -12.46 2.78
N ALA A 45 -10.85 -11.15 2.90
CA ALA A 45 -10.42 -10.31 1.76
C ALA A 45 -9.03 -10.70 1.31
N GLY A 46 -8.15 -11.08 2.25
CA GLY A 46 -6.77 -11.32 1.86
C GLY A 46 -6.65 -12.74 1.37
N PRO A 47 -5.40 -13.18 1.02
CA PRO A 47 -5.16 -14.59 0.56
C PRO A 47 -5.01 -15.58 1.69
N ASP A 48 -5.12 -16.87 1.34
CA ASP A 48 -4.75 -18.00 2.19
C ASP A 48 -3.31 -17.79 2.67
N ASP A 49 -3.02 -18.16 3.93
CA ASP A 49 -1.68 -17.96 4.46
C ASP A 49 -0.84 -19.22 4.25
N ARG A 50 -1.51 -20.35 3.90
CA ARG A 50 -0.83 -21.62 3.66
C ARG A 50 0.27 -21.46 2.60
N GLY A 51 1.47 -21.90 2.97
CA GLY A 51 2.68 -21.75 2.15
C GLY A 51 3.21 -20.37 1.82
N VAL A 52 2.93 -19.37 2.66
CA VAL A 52 3.53 -18.05 2.52
C VAL A 52 4.54 -17.91 3.70
N PRO A 53 5.82 -18.16 3.41
CA PRO A 53 6.77 -18.19 4.53
C PRO A 53 6.90 -16.87 5.23
N GLU A 54 6.69 -15.74 4.54
CA GLU A 54 6.82 -14.41 5.18
C GLU A 54 5.77 -14.12 6.23
N VAL A 55 4.65 -14.81 6.12
CA VAL A 55 3.62 -14.75 7.09
C VAL A 55 3.78 -15.81 8.18
N LEU A 56 4.05 -17.05 7.78
CA LEU A 56 4.18 -18.13 8.73
C LEU A 56 5.41 -18.05 9.64
N GLN A 57 6.58 -17.58 9.16
CA GLN A 57 7.79 -17.57 9.97
C GLN A 57 7.71 -16.34 10.80
N LEU A 58 7.46 -16.51 12.12
CA LEU A 58 7.32 -15.39 13.05
C LEU A 58 8.49 -14.40 13.01
N ASP A 59 9.73 -14.89 12.95
CA ASP A 59 10.88 -13.95 12.98
C ASP A 59 11.01 -12.96 11.81
N ARG A 60 10.14 -13.12 10.80
CA ARG A 60 10.08 -12.25 9.64
C ARG A 60 8.95 -11.21 9.71
N TRP A 61 8.29 -11.09 10.86
CA TRP A 61 7.02 -10.32 10.92
C TRP A 61 7.25 -8.84 10.59
N MET A 62 8.41 -8.29 10.96
CA MET A 62 8.63 -6.87 10.78
C MET A 62 8.62 -6.52 9.31
N GLU A 63 8.94 -7.48 8.44
CA GLU A 63 8.85 -7.23 7.01
C GLU A 63 7.43 -7.12 6.42
N LEU A 64 6.40 -7.57 7.16
CA LEU A 64 5.06 -7.48 6.66
C LEU A 64 4.52 -6.04 6.61
N LEU A 65 5.08 -5.16 7.41
CA LEU A 65 4.54 -3.81 7.46
C LEU A 65 4.68 -3.04 6.09
N GLU A 66 3.57 -2.48 5.63
CA GLU A 66 3.46 -1.83 4.33
C GLU A 66 3.73 -2.72 3.10
N SER A 67 3.77 -4.05 3.27
CA SER A 67 3.83 -4.98 2.16
C SER A 67 2.41 -5.15 1.57
N GLY A 68 2.27 -6.08 0.63
CA GLY A 68 0.97 -6.38 0.04
C GLY A 68 0.07 -7.12 1.02
N TYR A 69 0.64 -7.52 2.15
CA TYR A 69 -0.16 -8.12 3.22
C TYR A 69 -0.66 -7.06 4.25
N ASP A 70 -0.59 -5.78 3.95
CA ASP A 70 -0.93 -4.77 4.96
C ASP A 70 -1.98 -3.86 4.30
N TRP A 71 -3.16 -3.73 4.88
CA TRP A 71 -4.11 -2.72 4.38
C TRP A 71 -3.50 -1.30 4.47
N ASP A 72 -2.61 -1.04 5.43
CA ASP A 72 -1.91 0.22 5.49
C ASP A 72 -2.87 1.44 5.73
N TYR A 73 -3.28 1.69 6.96
CA TYR A 73 -4.19 2.85 7.18
C TYR A 73 -3.40 4.02 7.75
N PRO A 74 -3.05 5.00 6.96
CA PRO A 74 -2.47 6.17 7.69
C PRO A 74 -3.56 6.89 8.50
N ILE A 75 -3.18 7.69 9.48
CA ILE A 75 -4.16 8.36 10.39
C ILE A 75 -4.43 9.77 9.94
N GLU A 76 -5.56 10.34 10.39
CA GLU A 76 -5.84 11.75 10.18
C GLU A 76 -4.79 12.61 10.90
N PRO A 77 -4.60 13.88 10.43
CA PRO A 77 -3.66 14.79 11.17
C PRO A 77 -4.01 14.87 12.67
N GLN A 78 -2.97 14.89 13.48
CA GLN A 78 -3.12 14.69 14.93
C GLN A 78 -2.97 16.06 15.59
N GLU A 79 -3.92 16.41 16.42
CA GLU A 79 -3.88 17.65 17.24
C GLU A 79 -2.66 17.67 18.17
N ASN A 80 -2.34 16.51 18.77
CA ASN A 80 -1.24 16.50 19.75
C ASN A 80 -0.44 15.22 19.62
N GLY A 81 -0.19 14.77 18.41
CA GLY A 81 0.59 13.55 18.21
C GLY A 81 1.22 13.51 16.83
N ASN A 82 1.47 12.30 16.38
CA ASN A 82 2.38 12.07 15.23
C ASN A 82 1.56 11.73 13.99
N SER A 83 1.39 12.75 13.15
CA SER A 83 0.63 12.63 11.91
C SER A 83 1.19 11.67 10.88
N PHE A 84 2.46 11.23 11.05
CA PHE A 84 3.08 10.30 10.09
C PHE A 84 2.79 8.87 10.44
N MET A 85 2.17 8.62 11.59
CA MET A 85 1.97 7.28 12.06
C MET A 85 0.99 6.52 11.13
N ARG A 86 1.24 5.20 10.96
CA ARG A 86 0.37 4.35 10.13
C ARG A 86 -0.20 3.19 10.95
N HIS A 87 -1.49 2.96 10.90
CA HIS A 87 -1.99 1.74 11.49
C HIS A 87 -1.85 0.55 10.54
N ALA A 88 -0.77 -0.23 10.66
CA ALA A 88 -0.68 -1.45 9.88
C ALA A 88 -1.81 -2.41 10.29
N ARG A 89 -2.47 -3.04 9.31
CA ARG A 89 -3.49 -4.05 9.57
C ARG A 89 -3.29 -5.16 8.62
N ALA A 90 -3.28 -6.38 9.09
CA ALA A 90 -2.97 -7.48 8.14
C ALA A 90 -4.10 -7.75 7.20
N LYS A 91 -3.76 -8.07 5.94
CA LYS A 91 -4.78 -8.44 5.00
C LYS A 91 -4.40 -9.83 4.49
N VAL A 92 -4.75 -10.84 5.28
CA VAL A 92 -4.39 -12.23 4.97
C VAL A 92 -5.12 -13.09 5.96
N MET A 93 -5.26 -14.38 5.64
CA MET A 93 -5.81 -15.32 6.62
C MET A 93 -5.09 -15.23 7.96
N GLY A 94 -5.86 -15.26 9.03
CA GLY A 94 -5.29 -15.08 10.36
C GLY A 94 -5.39 -13.59 10.80
N GLY A 95 -5.60 -12.68 9.85
CA GLY A 95 -5.56 -11.27 10.16
C GLY A 95 -4.26 -10.86 10.83
N CYS A 96 -4.37 -9.88 11.75
CA CYS A 96 -3.25 -9.40 12.53
C CYS A 96 -2.59 -10.52 13.36
N SER A 97 -3.31 -11.58 13.61
CA SER A 97 -2.56 -12.68 14.26
C SER A 97 -1.56 -13.26 13.26
N SER A 98 -1.71 -12.94 11.97
CA SER A 98 -0.75 -13.41 10.99
C SER A 98 0.41 -12.40 10.76
N HIS A 99 0.30 -11.15 11.28
CA HIS A 99 1.41 -10.19 11.12
C HIS A 99 2.10 -9.73 12.41
N ASN A 100 1.64 -10.17 13.59
CA ASN A 100 2.03 -9.54 14.82
C ASN A 100 3.32 -10.25 15.40
N SER A 101 3.79 -9.76 16.53
CA SER A 101 4.99 -10.28 17.20
C SER A 101 4.64 -11.42 18.18
N CYS A 102 3.42 -11.92 18.11
CA CYS A 102 2.99 -13.08 18.87
C CYS A 102 3.21 -13.00 20.40
N ILE A 103 3.31 -11.78 20.95
CA ILE A 103 3.38 -11.62 22.39
C ILE A 103 2.05 -12.08 23.01
N ALA A 104 2.07 -13.05 23.95
CA ALA A 104 0.79 -13.71 24.38
C ALA A 104 0.46 -13.50 25.83
N PHE A 105 -0.68 -12.86 26.10
CA PHE A 105 -1.07 -12.53 27.47
C PHE A 105 -2.50 -12.90 27.77
N TRP A 106 -2.75 -13.55 28.89
CA TRP A 106 -4.12 -13.51 29.48
C TRP A 106 -4.30 -12.05 29.97
N ALA A 107 -5.50 -11.50 29.82
CA ALA A 107 -5.79 -10.16 30.38
C ALA A 107 -5.86 -10.27 31.87
N PRO A 108 -5.46 -9.21 32.57
CA PRO A 108 -5.68 -9.16 34.01
C PRO A 108 -7.15 -9.45 34.41
N ARG A 109 -7.35 -10.27 35.47
CA ARG A 109 -8.73 -10.56 35.90
C ARG A 109 -9.44 -9.22 36.24
N GLU A 110 -8.67 -8.21 36.68
CA GLU A 110 -9.27 -6.94 37.10
C GLU A 110 -9.77 -6.20 35.86
N ASP A 111 -9.10 -6.34 34.70
CA ASP A 111 -9.66 -5.74 33.47
C ASP A 111 -10.99 -6.36 33.11
N LEU A 112 -11.02 -7.71 33.07
CA LEU A 112 -12.19 -8.42 32.61
C LEU A 112 -13.45 -8.31 33.52
N ASP A 113 -13.27 -8.38 34.86
CA ASP A 113 -14.38 -8.16 35.88
C ASP A 113 -15.07 -6.81 35.72
N GLU A 114 -14.28 -5.81 35.34
CA GLU A 114 -14.79 -4.46 35.04
C GLU A 114 -15.73 -4.39 33.85
N TRP A 115 -15.58 -5.30 32.88
CA TRP A 115 -16.46 -5.17 31.72
C TRP A 115 -17.91 -5.27 32.17
N GLU A 116 -18.18 -6.30 32.98
CA GLU A 116 -19.48 -6.42 33.62
C GLU A 116 -19.71 -5.35 34.73
N ALA A 117 -18.76 -5.17 35.64
CA ALA A 117 -19.06 -4.37 36.85
C ALA A 117 -19.10 -2.88 36.60
N LYS A 118 -18.34 -2.40 35.62
CA LYS A 118 -18.27 -0.99 35.35
C LYS A 118 -18.88 -0.57 34.02
N TYR A 119 -18.77 -1.40 32.99
CA TYR A 119 -19.19 -1.03 31.63
C TYR A 119 -20.50 -1.72 31.13
N GLY A 120 -21.25 -2.30 32.04
CA GLY A 120 -22.56 -2.86 31.74
C GLY A 120 -22.61 -4.15 30.96
N ALA A 121 -21.47 -4.78 30.66
CA ALA A 121 -21.48 -5.93 29.77
C ALA A 121 -21.80 -7.19 30.56
N THR A 122 -23.10 -7.39 30.80
CA THR A 122 -23.55 -8.47 31.63
C THR A 122 -22.87 -9.80 31.20
N GLY A 123 -22.28 -10.57 32.12
CA GLY A 123 -21.78 -11.90 31.75
C GLY A 123 -20.29 -11.87 31.35
N TRP A 124 -19.69 -10.67 31.31
CA TRP A 124 -18.29 -10.56 30.84
C TRP A 124 -17.45 -10.27 32.04
N ASN A 125 -16.75 -11.29 32.53
CA ASN A 125 -15.93 -11.16 33.70
C ASN A 125 -14.88 -12.28 33.64
N ALA A 126 -13.95 -12.31 34.62
CA ALA A 126 -12.92 -13.32 34.63
C ALA A 126 -13.44 -14.77 34.69
N GLU A 127 -14.51 -15.00 35.45
CA GLU A 127 -15.19 -16.30 35.54
C GLU A 127 -15.56 -16.85 34.14
N ALA A 128 -16.10 -15.96 33.30
CA ALA A 128 -16.49 -16.31 31.93
C ALA A 128 -15.23 -16.48 31.08
N ALA A 129 -14.25 -15.64 31.29
CA ALA A 129 -13.09 -15.73 30.39
C ALA A 129 -12.14 -16.90 30.73
N TRP A 130 -11.98 -17.18 32.03
CA TRP A 130 -10.90 -18.06 32.47
C TRP A 130 -10.91 -19.44 31.80
N PRO A 131 -12.10 -20.03 31.64
CA PRO A 131 -12.17 -21.36 31.03
C PRO A 131 -11.95 -21.26 29.54
N LEU A 132 -12.28 -20.12 28.94
CA LEU A 132 -12.05 -19.92 27.50
C LEU A 132 -10.57 -19.78 27.18
N TYR A 133 -9.79 -19.06 28.02
CA TYR A 133 -8.33 -18.99 27.78
C TYR A 133 -7.72 -20.40 27.88
N LYS A 134 -8.20 -21.16 28.82
CA LYS A 134 -7.66 -22.52 29.05
C LYS A 134 -8.01 -23.43 27.84
N ARG A 135 -9.23 -23.31 27.36
CA ARG A 135 -9.66 -24.08 26.20
C ARG A 135 -8.88 -23.74 24.95
N LEU A 136 -8.56 -22.45 24.81
CA LEU A 136 -7.91 -22.06 23.57
C LEU A 136 -6.42 -22.42 23.49
N GLU A 137 -5.75 -22.57 24.61
CA GLU A 137 -4.30 -22.72 24.60
C GLU A 137 -3.77 -24.19 24.87
N THR A 138 -2.61 -24.48 24.31
CA THR A 138 -1.69 -25.45 24.91
C THR A 138 -0.50 -24.65 25.40
N ASN A 139 -0.34 -24.57 26.73
CA ASN A 139 0.66 -23.67 27.34
C ASN A 139 1.78 -24.48 27.97
N GLU A 140 2.99 -24.12 27.62
CA GLU A 140 4.19 -24.78 28.15
C GLU A 140 4.20 -24.80 29.70
N ASP A 141 3.52 -23.84 30.33
CA ASP A 141 3.50 -23.77 31.79
C ASP A 141 2.34 -24.63 32.40
N ALA A 142 1.57 -25.36 31.55
CA ALA A 142 0.42 -26.12 32.06
C ALA A 142 0.90 -27.16 33.04
N GLY A 143 0.10 -27.43 34.09
CA GLY A 143 0.43 -28.55 35.01
C GLY A 143 -0.35 -28.36 36.29
N PRO A 144 -0.20 -29.29 37.24
CA PRO A 144 -1.05 -29.24 38.44
C PRO A 144 -0.75 -28.05 39.41
N ASP A 145 0.43 -27.44 39.31
CA ASP A 145 0.71 -26.27 40.13
C ASP A 145 0.32 -24.96 39.45
N ALA A 146 -0.29 -25.06 38.26
CA ALA A 146 -0.85 -23.93 37.53
C ALA A 146 -2.14 -24.42 36.81
N PRO A 147 -3.15 -24.92 37.57
CA PRO A 147 -4.28 -25.57 36.90
C PRO A 147 -5.18 -24.69 36.09
N HIS A 148 -5.02 -23.34 36.10
CA HIS A 148 -5.77 -22.45 35.17
C HIS A 148 -5.36 -22.67 33.74
N HIS A 149 -4.11 -23.11 33.53
CA HIS A 149 -3.58 -23.20 32.13
C HIS A 149 -4.20 -24.38 31.34
N GLY A 150 -4.37 -24.20 30.02
CA GLY A 150 -4.72 -25.31 29.13
C GLY A 150 -3.50 -26.05 28.63
N ASP A 151 -3.65 -27.37 28.45
CA ASP A 151 -2.66 -28.22 27.82
C ASP A 151 -3.12 -28.89 26.50
N SER A 152 -4.31 -28.55 25.97
CA SER A 152 -4.80 -29.21 24.77
C SER A 152 -5.36 -28.27 23.70
N GLY A 153 -5.36 -26.97 23.95
CA GLY A 153 -5.95 -25.99 23.03
C GLY A 153 -5.15 -25.89 21.74
N PRO A 154 -5.78 -25.38 20.68
CA PRO A 154 -5.10 -25.29 19.34
C PRO A 154 -4.01 -24.20 19.30
N VAL A 155 -4.02 -23.23 20.22
CA VAL A 155 -3.06 -22.13 20.18
C VAL A 155 -1.87 -22.46 21.09
N HIS A 156 -0.71 -22.74 20.51
CA HIS A 156 0.46 -23.14 21.31
C HIS A 156 1.15 -21.94 21.95
N LEU A 157 1.24 -21.85 23.28
CA LEU A 157 2.09 -20.81 23.88
C LEU A 157 3.35 -21.36 24.43
N MET A 158 4.46 -20.65 24.20
CA MET A 158 5.73 -21.13 24.69
C MET A 158 6.52 -20.01 25.36
N ASN A 159 7.46 -20.41 26.18
CA ASN A 159 8.29 -19.45 26.87
C ASN A 159 9.44 -19.03 25.93
N VAL A 160 9.66 -17.73 25.73
CA VAL A 160 10.88 -17.31 25.00
C VAL A 160 12.18 -17.77 25.73
N PRO A 161 13.03 -18.56 25.08
CA PRO A 161 14.27 -18.92 25.78
C PRO A 161 15.15 -17.75 26.12
N PRO A 162 15.66 -17.69 27.36
CA PRO A 162 16.49 -16.51 27.70
C PRO A 162 17.92 -16.53 27.08
N LYS A 163 18.02 -16.62 25.76
CA LYS A 163 19.31 -16.68 25.06
C LYS A 163 20.01 -15.27 24.86
N ASP A 164 19.23 -14.23 24.66
CA ASP A 164 19.77 -12.88 24.40
C ASP A 164 20.50 -12.32 25.63
N PRO A 165 21.86 -12.16 25.57
CA PRO A 165 22.56 -11.69 26.76
C PRO A 165 22.23 -10.24 27.12
N THR A 166 21.81 -9.44 26.15
CA THR A 166 21.43 -8.07 26.48
C THR A 166 20.14 -8.11 27.26
N GLY A 167 19.26 -9.08 26.97
CA GLY A 167 17.97 -9.14 27.63
C GLY A 167 18.12 -9.69 29.04
N VAL A 168 18.98 -10.69 29.19
CA VAL A 168 19.37 -11.20 30.53
C VAL A 168 19.89 -10.02 31.38
N ALA A 169 20.83 -9.24 30.84
CA ALA A 169 21.38 -8.06 31.55
C ALA A 169 20.30 -7.02 31.82
N LEU A 170 19.39 -6.85 30.89
CA LEU A 170 18.31 -5.83 31.07
C LEU A 170 17.40 -6.17 32.30
N LEU A 171 17.06 -7.46 32.41
CA LEU A 171 16.27 -8.00 33.51
C LEU A 171 17.06 -7.86 34.84
N ASP A 172 18.35 -8.20 34.82
CA ASP A 172 19.20 -7.92 36.00
C ASP A 172 19.09 -6.41 36.31
N ALA A 173 19.04 -5.57 35.29
CA ALA A 173 19.06 -4.11 35.53
C ALA A 173 17.71 -3.67 36.05
N CYS A 174 16.62 -4.29 35.55
CA CYS A 174 15.29 -4.05 36.13
C CYS A 174 15.27 -4.33 37.62
N GLU A 175 15.80 -5.52 38.02
CA GLU A 175 15.89 -5.86 39.42
C GLU A 175 16.64 -4.81 40.22
N GLN A 176 17.79 -4.35 39.71
CA GLN A 176 18.53 -3.31 40.42
C GLN A 176 17.64 -2.05 40.56
N ALA A 177 16.70 -1.84 39.65
CA ALA A 177 15.93 -0.63 39.63
C ALA A 177 14.65 -0.86 40.39
N GLY A 178 14.51 -1.97 41.14
CA GLY A 178 13.25 -2.21 41.92
C GLY A 178 12.12 -2.89 41.12
N ILE A 179 12.46 -3.47 39.98
CA ILE A 179 11.50 -4.23 39.18
C ILE A 179 11.89 -5.70 39.08
N PRO A 180 11.22 -6.55 39.86
CA PRO A 180 11.75 -7.95 39.89
C PRO A 180 11.33 -8.78 38.66
N ARG A 181 12.02 -9.89 38.46
CA ARG A 181 11.63 -10.90 37.53
C ARG A 181 10.27 -11.44 37.91
N ALA A 182 9.38 -11.57 36.95
CA ALA A 182 8.05 -12.08 37.32
C ALA A 182 7.59 -13.07 36.30
N LYS A 183 6.81 -14.03 36.73
CA LYS A 183 6.22 -15.00 35.82
C LYS A 183 5.01 -14.41 35.11
N PHE A 184 4.89 -14.55 33.79
CA PHE A 184 3.67 -14.07 33.15
C PHE A 184 2.57 -15.11 33.11
N ASN A 185 1.32 -14.64 32.95
CA ASN A 185 0.17 -15.56 32.75
C ASN A 185 -0.03 -16.58 33.83
N THR A 186 0.28 -16.20 35.06
CA THR A 186 0.00 -17.07 36.19
C THR A 186 -1.48 -16.92 36.63
N GLY A 187 -2.17 -15.89 36.13
CA GLY A 187 -3.53 -15.57 36.56
C GLY A 187 -3.52 -14.47 37.61
N THR A 188 -2.34 -14.14 38.12
CA THR A 188 -2.21 -13.03 39.01
C THR A 188 -1.51 -11.90 38.25
N THR A 189 -2.11 -10.74 38.31
CA THR A 189 -1.65 -9.64 37.59
C THR A 189 -0.26 -9.14 38.01
N VAL A 190 0.58 -8.91 37.02
CA VAL A 190 1.88 -8.34 37.29
C VAL A 190 1.75 -6.82 37.23
N VAL A 191 1.87 -6.21 38.39
CA VAL A 191 1.88 -4.78 38.50
C VAL A 191 3.31 -4.24 38.38
N ASN A 192 4.25 -4.85 39.06
CA ASN A 192 5.65 -4.43 38.99
C ASN A 192 6.45 -5.69 38.75
N GLY A 193 6.92 -5.90 37.52
CA GLY A 193 7.73 -7.08 37.21
C GLY A 193 8.08 -7.08 35.73
N ALA A 194 9.01 -7.94 35.32
CA ALA A 194 9.50 -7.96 33.95
C ALA A 194 9.95 -9.37 33.62
N ASN A 195 9.91 -9.76 32.36
CA ASN A 195 10.53 -11.04 32.00
C ASN A 195 10.46 -11.18 30.52
N PHE A 196 11.14 -12.25 30.04
CA PHE A 196 10.92 -12.81 28.73
C PHE A 196 9.45 -13.19 28.59
N PHE A 197 8.88 -12.93 27.42
CA PHE A 197 7.42 -13.21 27.23
C PHE A 197 7.15 -14.69 27.06
N GLN A 198 5.88 -15.04 27.20
CA GLN A 198 5.28 -16.11 26.42
C GLN A 198 4.86 -15.60 25.05
N ILE A 199 5.11 -16.45 24.04
CA ILE A 199 4.71 -16.16 22.65
C ILE A 199 3.83 -17.27 22.09
N ASN A 200 2.86 -16.93 21.24
CA ASN A 200 2.06 -17.97 20.67
C ASN A 200 2.75 -18.38 19.39
N ARG A 201 3.67 -19.33 19.49
CA ARG A 201 4.46 -19.79 18.35
C ARG A 201 4.73 -21.29 18.55
N ARG A 202 4.79 -22.04 17.47
CA ARG A 202 4.99 -23.47 17.52
C ARG A 202 6.50 -23.70 17.62
N ALA A 203 6.89 -24.92 18.01
CA ALA A 203 8.31 -25.27 18.13
C ALA A 203 9.14 -25.07 16.85
N ASP A 204 8.53 -25.30 15.68
CA ASP A 204 9.27 -25.18 14.40
C ASP A 204 9.42 -23.73 13.89
N GLY A 205 8.96 -22.73 14.66
CA GLY A 205 9.15 -21.32 14.21
C GLY A 205 7.92 -20.70 13.55
N THR A 206 6.90 -21.54 13.28
CA THR A 206 5.66 -21.03 12.74
C THR A 206 4.84 -20.33 13.80
N ARG A 207 4.36 -19.14 13.48
CA ARG A 207 3.46 -18.43 14.38
C ARG A 207 2.21 -19.27 14.65
N SER A 208 1.69 -19.18 15.87
CA SER A 208 0.49 -19.96 16.18
C SER A 208 -0.66 -18.97 16.01
N SER A 209 -0.83 -18.52 14.76
CA SER A 209 -1.86 -17.54 14.37
C SER A 209 -3.29 -18.17 14.48
N SER A 210 -4.32 -17.33 14.48
CA SER A 210 -5.65 -17.94 14.46
C SER A 210 -5.90 -18.87 13.30
N SER A 211 -5.30 -18.62 12.12
CA SER A 211 -5.53 -19.49 10.95
C SER A 211 -4.79 -20.86 11.08
N VAL A 212 -3.50 -20.79 11.40
CA VAL A 212 -2.72 -21.94 11.72
C VAL A 212 -3.44 -22.78 12.78
N SER A 213 -4.00 -22.14 13.81
CA SER A 213 -4.38 -22.94 14.97
C SER A 213 -5.80 -23.52 14.77
N TYR A 214 -6.72 -22.73 14.22
CA TYR A 214 -8.12 -23.11 14.16
C TYR A 214 -8.47 -23.58 12.79
N ILE A 215 -7.79 -23.05 11.75
CA ILE A 215 -8.36 -23.20 10.38
C ILE A 215 -7.61 -24.22 9.52
N HIS A 216 -6.26 -24.17 9.49
CA HIS A 216 -5.52 -25.18 8.67
C HIS A 216 -5.99 -26.60 8.91
N PRO A 217 -6.31 -26.97 10.17
CA PRO A 217 -6.72 -28.40 10.37
C PRO A 217 -8.10 -28.78 9.84
N ILE A 218 -8.99 -27.82 9.58
CA ILE A 218 -10.38 -28.14 9.19
C ILE A 218 -10.74 -27.67 7.77
N VAL A 219 -9.75 -27.30 7.00
CA VAL A 219 -10.06 -26.75 5.69
C VAL A 219 -10.87 -27.73 4.79
N GLU A 220 -10.67 -29.04 4.99
CA GLU A 220 -11.38 -30.06 4.22
C GLU A 220 -12.62 -30.59 4.92
N GLN A 221 -12.87 -30.09 6.11
CA GLN A 221 -14.05 -30.53 6.83
C GLN A 221 -15.37 -30.29 6.05
N GLU A 222 -16.25 -31.27 6.05
CA GLU A 222 -17.45 -31.26 5.18
C GLU A 222 -18.35 -30.00 5.19
N ASN A 223 -18.52 -29.42 6.37
CA ASN A 223 -19.55 -28.40 6.63
C ASN A 223 -18.93 -27.00 6.61
N PHE A 224 -17.64 -26.94 6.25
CA PHE A 224 -16.86 -25.69 6.32
C PHE A 224 -16.39 -25.26 4.95
N THR A 225 -16.60 -23.99 4.61
CA THR A 225 -16.15 -23.42 3.36
C THR A 225 -15.31 -22.15 3.64
N LEU A 226 -14.09 -22.14 3.14
CA LEU A 226 -13.20 -21.03 3.27
C LEU A 226 -13.13 -20.27 1.91
N LEU A 227 -13.46 -18.99 1.92
CA LEU A 227 -13.43 -18.14 0.73
C LEU A 227 -12.43 -17.01 0.88
N THR A 228 -11.32 -17.05 0.19
CA THR A 228 -10.33 -15.98 0.34
C THR A 228 -10.35 -15.03 -0.86
N GLY A 229 -9.59 -13.95 -0.82
CA GLY A 229 -9.58 -12.99 -1.94
C GLY A 229 -10.96 -12.29 -2.14
N LEU A 230 -11.86 -12.35 -1.17
CA LEU A 230 -13.20 -11.75 -1.36
C LEU A 230 -13.54 -10.72 -0.31
N ARG A 231 -13.94 -9.54 -0.77
CA ARG A 231 -14.08 -8.40 0.14
C ARG A 231 -15.55 -8.04 0.35
N ALA A 232 -16.04 -8.11 1.58
CA ALA A 232 -17.40 -7.66 1.90
C ALA A 232 -17.48 -6.12 1.70
N ARG A 233 -18.50 -5.65 0.98
CA ARG A 233 -18.71 -4.24 0.84
C ARG A 233 -19.98 -3.76 1.58
N GLN A 234 -20.83 -4.71 2.00
CA GLN A 234 -22.15 -4.32 2.57
C GLN A 234 -22.82 -5.57 3.11
N LEU A 235 -23.55 -5.40 4.21
CA LEU A 235 -24.35 -6.46 4.78
C LEU A 235 -25.73 -6.31 4.19
N VAL A 236 -26.47 -7.39 4.12
CA VAL A 236 -27.77 -7.42 3.42
C VAL A 236 -28.86 -7.64 4.47
N PHE A 237 -29.89 -6.80 4.47
CA PHE A 237 -31.00 -6.97 5.40
C PHE A 237 -32.39 -7.10 4.75
N ASP A 238 -33.22 -7.96 5.34
CA ASP A 238 -34.69 -8.05 5.24
C ASP A 238 -35.49 -6.80 5.47
N ALA A 239 -36.73 -6.86 5.00
CA ALA A 239 -37.70 -5.80 5.29
C ALA A 239 -37.94 -5.81 6.78
N ASP A 240 -37.77 -6.98 7.40
CA ASP A 240 -37.86 -7.10 8.86
C ASP A 240 -36.58 -6.72 9.62
N ARG A 241 -35.57 -6.22 8.92
CA ARG A 241 -34.26 -5.93 9.53
C ARG A 241 -33.52 -7.14 10.08
N ARG A 242 -33.84 -8.31 9.53
CA ARG A 242 -33.03 -9.48 9.73
C ARG A 242 -31.88 -9.45 8.72
N CYS A 243 -30.63 -9.45 9.19
CA CYS A 243 -29.48 -9.61 8.29
C CYS A 243 -29.53 -10.96 7.58
N THR A 244 -29.52 -10.99 6.25
CA THR A 244 -29.65 -12.27 5.53
C THR A 244 -28.38 -12.62 4.75
N GLY A 245 -27.38 -11.76 4.85
CA GLY A 245 -26.11 -12.10 4.23
C GLY A 245 -25.20 -10.92 3.98
N VAL A 246 -24.30 -11.10 3.03
CA VAL A 246 -23.23 -10.13 2.76
C VAL A 246 -23.02 -10.09 1.24
N ASP A 247 -22.84 -8.90 0.69
CA ASP A 247 -22.32 -8.65 -0.67
C ASP A 247 -20.82 -8.58 -0.69
N ILE A 248 -20.25 -9.41 -1.54
CA ILE A 248 -18.80 -9.50 -1.57
C ILE A 248 -18.29 -9.24 -2.96
N VAL A 249 -17.08 -8.70 -3.05
CA VAL A 249 -16.52 -8.42 -4.36
C VAL A 249 -15.26 -9.19 -4.59
N ASP A 250 -15.12 -9.70 -5.81
CA ASP A 250 -13.98 -10.47 -6.22
C ASP A 250 -12.82 -9.56 -6.66
N SER A 251 -11.63 -10.13 -6.72
CA SER A 251 -10.49 -9.34 -7.12
C SER A 251 -10.28 -9.23 -8.65
N ALA A 252 -10.97 -10.06 -9.44
CA ALA A 252 -10.87 -10.04 -10.91
C ALA A 252 -11.50 -8.80 -11.65
N PHE A 253 -12.83 -8.65 -11.63
CA PHE A 253 -13.45 -7.43 -12.19
C PHE A 253 -14.13 -6.52 -11.14
N GLY A 254 -14.18 -6.95 -9.89
CA GLY A 254 -14.95 -6.21 -8.93
C GLY A 254 -16.45 -6.35 -9.11
N HIS A 255 -16.92 -7.47 -9.64
CA HIS A 255 -18.33 -7.78 -9.57
C HIS A 255 -18.77 -8.09 -8.13
N THR A 256 -20.03 -7.85 -7.85
CA THR A 256 -20.60 -8.10 -6.54
C THR A 256 -21.32 -9.43 -6.53
N HIS A 257 -21.06 -10.20 -5.48
CA HIS A 257 -21.71 -11.50 -5.33
C HIS A 257 -22.36 -11.54 -3.94
N ARG A 258 -23.58 -12.04 -3.89
CA ARG A 258 -24.32 -12.16 -2.68
C ARG A 258 -24.15 -13.55 -2.04
N LEU A 259 -23.78 -13.59 -0.75
CA LEU A 259 -23.90 -14.81 0.04
C LEU A 259 -24.99 -14.68 1.09
N THR A 260 -25.70 -15.77 1.29
CA THR A 260 -26.88 -15.80 2.15
C THR A 260 -26.60 -16.64 3.38
N ALA A 261 -27.06 -16.16 4.54
CA ALA A 261 -26.93 -16.92 5.78
C ALA A 261 -28.28 -17.17 6.35
N ARG A 262 -28.55 -18.45 6.66
CA ARG A 262 -29.85 -18.90 7.24
C ARG A 262 -29.98 -18.53 8.72
N ASN A 263 -28.88 -18.56 9.46
CA ASN A 263 -29.00 -18.34 10.92
C ASN A 263 -28.47 -16.96 11.30
N GLU A 264 -27.15 -16.83 11.36
CA GLU A 264 -26.51 -15.55 11.73
C GLU A 264 -25.32 -15.13 10.84
N VAL A 265 -25.09 -13.84 10.71
CA VAL A 265 -23.85 -13.38 10.19
C VAL A 265 -22.97 -12.90 11.36
N VAL A 266 -21.70 -13.21 11.34
CA VAL A 266 -20.79 -12.70 12.36
C VAL A 266 -19.79 -11.80 11.71
N LEU A 267 -19.79 -10.56 12.09
CA LEU A 267 -18.81 -9.62 11.56
C LEU A 267 -17.54 -9.69 12.39
N SER A 268 -16.43 -10.03 11.78
CA SER A 268 -15.21 -10.03 12.56
C SER A 268 -14.11 -9.36 11.85
N THR A 269 -14.38 -8.22 11.22
CA THR A 269 -13.37 -7.62 10.38
C THR A 269 -12.46 -6.64 11.12
N GLY A 270 -12.54 -6.61 12.45
CA GLY A 270 -11.57 -5.84 13.24
C GLY A 270 -12.00 -4.41 13.59
N ALA A 271 -11.25 -3.76 14.48
CA ALA A 271 -11.63 -2.48 15.01
C ALA A 271 -11.67 -1.33 13.95
N ILE A 272 -10.99 -1.47 12.81
CA ILE A 272 -11.08 -0.41 11.84
C ILE A 272 -12.14 -0.72 10.75
N ASP A 273 -12.14 -1.94 10.25
CA ASP A 273 -12.99 -2.32 9.16
C ASP A 273 -14.45 -2.67 9.54
N THR A 274 -14.67 -3.18 10.76
CA THR A 274 -16.00 -3.50 11.23
C THR A 274 -16.85 -2.22 11.29
N PRO A 275 -16.37 -1.16 11.99
CA PRO A 275 -17.24 0.03 11.99
C PRO A 275 -17.55 0.51 10.54
N LYS A 276 -16.53 0.47 9.65
CA LYS A 276 -16.71 0.92 8.26
C LYS A 276 -17.77 0.07 7.58
N LEU A 277 -17.72 -1.24 7.75
CA LEU A 277 -18.67 -2.13 7.08
C LEU A 277 -20.14 -1.95 7.58
N LEU A 278 -20.30 -1.68 8.86
CA LEU A 278 -21.61 -1.43 9.44
C LEU A 278 -22.10 -0.08 8.94
N MET A 279 -21.20 0.90 8.88
CA MET A 279 -21.68 2.23 8.35
C MET A 279 -22.11 2.14 6.89
N LEU A 280 -21.34 1.39 6.08
CA LEU A 280 -21.72 1.25 4.70
C LEU A 280 -23.09 0.55 4.56
N SER A 281 -23.48 -0.25 5.57
CA SER A 281 -24.70 -1.01 5.54
C SER A 281 -25.82 -0.24 6.21
N GLY A 282 -25.61 1.05 6.52
CA GLY A 282 -26.68 1.85 7.07
C GLY A 282 -26.78 1.76 8.60
N ILE A 283 -25.76 1.19 9.27
CA ILE A 283 -25.76 1.13 10.74
C ILE A 283 -24.67 2.09 11.35
N GLY A 284 -25.06 3.25 11.91
CA GLY A 284 -24.00 4.12 12.43
C GLY A 284 -24.63 5.44 12.80
N PRO A 285 -23.81 6.42 13.18
CA PRO A 285 -24.31 7.75 13.61
C PRO A 285 -25.07 8.40 12.46
N ALA A 286 -26.36 8.73 12.69
CA ALA A 286 -27.20 9.19 11.55
C ALA A 286 -26.63 10.36 10.76
N ALA A 287 -26.06 11.35 11.43
CA ALA A 287 -25.62 12.55 10.74
C ALA A 287 -24.37 12.22 9.92
N HIS A 288 -23.60 11.26 10.37
CA HIS A 288 -22.38 10.92 9.60
C HIS A 288 -22.79 10.16 8.34
N LEU A 289 -23.73 9.22 8.47
CA LEU A 289 -24.30 8.51 7.34
C LEU A 289 -24.91 9.42 6.26
N ALA A 290 -25.62 10.44 6.70
CA ALA A 290 -26.22 11.44 5.80
C ALA A 290 -25.21 12.27 5.03
N GLU A 291 -24.11 12.66 5.66
CA GLU A 291 -23.05 13.32 4.93
C GLU A 291 -22.47 12.49 3.74
N HIS A 292 -22.69 11.19 3.72
CA HIS A 292 -22.21 10.37 2.60
C HIS A 292 -23.38 9.73 1.80
N GLY A 293 -24.60 10.22 2.02
CA GLY A 293 -25.74 9.80 1.25
C GLY A 293 -26.28 8.45 1.61
N ILE A 294 -25.95 7.96 2.79
CA ILE A 294 -26.31 6.59 3.09
C ILE A 294 -27.57 6.60 3.88
N GLU A 295 -28.57 5.83 3.43
CA GLU A 295 -29.82 5.65 4.14
C GLU A 295 -29.53 5.01 5.52
N VAL A 296 -30.06 5.61 6.59
CA VAL A 296 -29.91 5.08 7.92
C VAL A 296 -30.88 3.92 8.15
N LEU A 297 -30.35 2.73 8.41
CA LEU A 297 -31.12 1.58 8.84
C LEU A 297 -31.25 1.60 10.35
N VAL A 298 -30.11 1.74 11.04
CA VAL A 298 -30.08 1.98 12.47
C VAL A 298 -29.19 3.17 12.84
N ASP A 299 -29.77 4.10 13.59
CA ASP A 299 -29.02 5.22 14.19
C ASP A 299 -28.27 4.68 15.41
N SER A 300 -26.98 4.42 15.26
CA SER A 300 -26.26 3.77 16.32
C SER A 300 -25.05 4.68 16.52
N PRO A 301 -25.24 5.76 17.30
CA PRO A 301 -24.22 6.76 17.51
C PRO A 301 -22.86 6.22 18.00
N GLY A 302 -22.81 5.00 18.51
CA GLY A 302 -21.56 4.51 19.09
C GLY A 302 -20.66 3.82 18.04
N VAL A 303 -21.18 3.64 16.82
CA VAL A 303 -20.37 2.93 15.80
C VAL A 303 -19.24 3.81 15.33
N GLY A 304 -18.00 3.35 15.44
CA GLY A 304 -16.92 4.22 15.10
C GLY A 304 -16.37 5.11 16.23
N GLU A 305 -17.08 5.20 17.34
CA GLU A 305 -16.66 5.97 18.48
C GLU A 305 -15.80 5.14 19.39
N HIS A 306 -15.19 5.78 20.38
CA HIS A 306 -14.52 5.11 21.52
C HIS A 306 -13.24 4.36 21.07
N LEU A 307 -12.60 4.83 20.01
CA LEU A 307 -11.39 4.17 19.54
C LEU A 307 -10.32 4.38 20.60
N GLN A 308 -9.73 3.24 20.97
CA GLN A 308 -8.74 3.16 22.01
C GLN A 308 -7.51 2.47 21.48
N ASP A 309 -6.34 2.77 22.08
CA ASP A 309 -5.10 2.17 21.64
C ASP A 309 -4.07 2.22 22.78
N HIS A 310 -2.93 1.58 22.53
CA HIS A 310 -1.73 1.64 23.41
C HIS A 310 -0.69 2.46 22.69
N PRO A 311 -0.76 3.79 22.82
CA PRO A 311 0.25 4.62 22.18
C PRO A 311 1.64 4.28 22.77
N GLU A 312 2.71 4.47 22.01
CA GLU A 312 3.97 3.87 22.31
C GLU A 312 5.10 4.85 22.05
N GLY A 313 6.02 5.03 22.98
CA GLY A 313 7.12 5.94 22.68
C GLY A 313 8.35 5.11 22.42
N VAL A 314 9.52 5.74 22.26
CA VAL A 314 10.72 4.96 22.03
C VAL A 314 11.93 5.67 22.64
N VAL A 315 12.81 4.87 23.28
CA VAL A 315 14.16 5.28 23.65
C VAL A 315 15.14 4.26 23.03
N GLN A 316 16.09 4.76 22.21
CA GLN A 316 17.01 3.97 21.46
C GLN A 316 18.38 4.26 21.94
N PHE A 317 19.19 3.22 21.89
CA PHE A 317 20.57 3.22 22.41
C PHE A 317 21.48 2.55 21.43
N GLU A 318 22.72 3.06 21.36
CA GLU A 318 23.75 2.27 20.71
C GLU A 318 24.15 1.14 21.65
N ALA A 319 24.38 -0.07 21.12
CA ALA A 319 24.92 -1.15 21.95
C ALA A 319 26.43 -1.11 21.98
N LYS A 320 27.06 -1.41 23.11
CA LYS A 320 28.54 -1.37 23.21
C LYS A 320 29.20 -2.65 22.71
N GLN A 321 28.38 -3.68 22.47
CA GLN A 321 28.87 -4.95 21.95
C GLN A 321 27.90 -5.41 20.84
N PRO A 322 28.31 -6.40 20.03
CA PRO A 322 27.41 -6.94 18.99
C PRO A 322 26.07 -7.44 19.50
N MET A 323 24.96 -6.90 18.99
CA MET A 323 23.62 -7.44 19.34
C MET A 323 23.37 -8.82 18.78
N VAL A 324 22.39 -9.53 19.28
CA VAL A 324 22.09 -10.87 18.70
C VAL A 324 21.74 -10.80 17.23
N ALA A 325 22.08 -11.87 16.52
CA ALA A 325 21.82 -11.96 15.11
C ALA A 325 20.53 -12.72 14.85
N GLU A 326 20.02 -13.43 15.85
CA GLU A 326 18.83 -14.28 15.72
C GLU A 326 17.90 -14.00 16.90
N SER A 327 16.62 -14.28 16.71
CA SER A 327 15.62 -14.02 17.72
C SER A 327 14.33 -14.73 17.39
N THR A 328 13.49 -14.95 18.38
CA THR A 328 12.12 -15.36 18.12
C THR A 328 11.34 -14.30 17.35
N GLN A 329 11.39 -13.04 17.77
CA GLN A 329 10.53 -12.01 17.10
C GLN A 329 11.02 -10.60 17.45
N TRP A 330 12.23 -10.52 18.04
CA TRP A 330 13.02 -9.25 18.18
C TRP A 330 12.55 -8.36 19.30
N TRP A 331 11.44 -8.73 19.94
CA TRP A 331 10.78 -7.93 20.98
C TRP A 331 10.36 -8.90 22.12
N GLU A 332 11.36 -9.32 22.89
CA GLU A 332 11.25 -10.58 23.66
C GLU A 332 10.99 -10.39 25.15
N ILE A 333 11.06 -9.16 25.64
CA ILE A 333 10.88 -8.92 27.04
C ILE A 333 9.89 -7.79 27.22
N GLY A 334 9.10 -7.89 28.30
CA GLY A 334 8.20 -6.84 28.70
C GLY A 334 8.46 -6.47 30.15
N ILE A 335 8.17 -5.21 30.50
CA ILE A 335 8.39 -4.63 31.79
C ILE A 335 7.16 -3.87 32.13
N PHE A 336 6.53 -4.28 33.22
CA PHE A 336 5.42 -3.57 33.75
C PHE A 336 5.81 -2.83 35.04
N THR A 337 5.31 -1.61 35.17
CA THR A 337 5.60 -0.81 36.32
C THR A 337 4.51 0.25 36.57
N PRO A 338 4.24 0.56 37.86
CA PRO A 338 3.26 1.59 38.05
C PRO A 338 3.91 2.98 38.24
N THR A 339 3.33 3.99 37.64
CA THR A 339 3.83 5.32 37.88
C THR A 339 3.25 6.03 39.13
N GLU A 340 2.37 5.33 39.84
CA GLU A 340 1.54 5.89 40.92
C GLU A 340 1.34 4.75 41.92
N ASP A 341 1.18 5.10 43.18
CA ASP A 341 0.80 4.13 44.24
C ASP A 341 -0.67 3.71 44.19
N GLY A 342 -0.96 2.53 44.78
CA GLY A 342 -2.35 2.06 44.88
C GLY A 342 -3.03 1.46 43.63
N LEU A 343 -2.24 1.06 42.64
CA LEU A 343 -2.82 0.51 41.41
C LEU A 343 -2.88 -0.98 41.51
N ASP A 344 -3.95 -1.57 40.95
CA ASP A 344 -4.03 -3.01 40.87
C ASP A 344 -3.60 -3.54 39.49
N ARG A 345 -3.27 -2.59 38.62
CA ARG A 345 -2.82 -2.85 37.24
C ARG A 345 -1.69 -1.89 36.91
N PRO A 346 -0.65 -2.34 36.18
CA PRO A 346 0.40 -1.39 35.81
C PRO A 346 -0.19 -0.30 34.89
N ASP A 347 0.21 0.96 35.05
CA ASP A 347 -0.24 1.99 34.10
C ASP A 347 0.73 2.18 32.93
N LEU A 348 1.90 1.54 33.02
CA LEU A 348 2.93 1.66 32.04
C LEU A 348 3.48 0.27 31.69
N MET A 349 3.67 0.00 30.43
CA MET A 349 4.37 -1.26 30.05
C MET A 349 5.48 -0.82 29.06
N MET A 350 6.62 -1.48 29.03
CA MET A 350 7.69 -1.20 28.06
C MET A 350 8.06 -2.51 27.34
N HIS A 351 8.32 -2.48 26.03
CA HIS A 351 8.88 -3.65 25.36
C HIS A 351 10.37 -3.40 25.16
N TYR A 352 11.17 -4.43 25.23
CA TYR A 352 12.51 -4.26 24.91
C TYR A 352 12.72 -4.88 23.55
N GLY A 353 13.34 -4.11 22.63
CA GLY A 353 13.65 -4.57 21.31
C GLY A 353 15.13 -4.66 21.07
N SER A 354 15.60 -5.79 20.55
CA SER A 354 17.02 -5.99 20.30
C SER A 354 17.50 -5.39 18.96
N VAL A 355 16.77 -4.40 18.48
CA VAL A 355 17.03 -3.72 17.25
C VAL A 355 16.73 -2.23 17.47
N PRO A 356 17.31 -1.39 16.62
CA PRO A 356 16.91 0.02 16.70
C PRO A 356 15.46 0.07 16.17
N PHE A 357 14.73 1.12 16.52
CA PHE A 357 13.38 1.30 15.99
C PHE A 357 13.20 2.79 15.55
N ASP A 358 13.57 3.09 14.30
CA ASP A 358 13.75 4.48 13.97
C ASP A 358 12.75 4.94 12.93
N MET A 359 11.67 4.16 12.77
CA MET A 359 10.55 4.45 11.92
C MET A 359 10.02 5.90 12.05
N ASN A 360 10.01 6.45 13.27
CA ASN A 360 9.47 7.78 13.47
C ASN A 360 10.53 8.74 13.98
N THR A 361 11.77 8.29 14.18
CA THR A 361 12.79 9.23 14.67
C THR A 361 13.72 9.77 13.56
N LEU A 362 14.00 8.95 12.56
CA LEU A 362 14.83 9.40 11.47
C LEU A 362 14.29 10.66 10.78
N ARG A 363 12.99 10.72 10.48
CA ARG A 363 12.53 11.94 9.76
C ARG A 363 12.73 13.18 10.58
N HIS A 364 12.98 13.10 11.88
CA HIS A 364 13.22 14.33 12.71
C HIS A 364 14.69 14.51 13.03
N GLY A 365 15.55 13.73 12.37
CA GLY A 365 17.01 14.00 12.41
C GLY A 365 17.74 13.37 13.58
N TYR A 366 17.09 12.47 14.29
CA TYR A 366 17.76 11.67 15.32
C TYR A 366 18.75 10.73 14.69
N PRO A 367 19.96 10.65 15.24
CA PRO A 367 20.95 9.73 14.66
C PRO A 367 20.46 8.31 14.83
N THR A 368 20.92 7.38 14.00
CA THR A 368 20.55 6.01 14.16
C THR A 368 21.78 5.11 14.11
N THR A 369 21.54 3.80 14.16
CA THR A 369 22.63 2.83 14.20
C THR A 369 22.13 1.50 13.61
N GLU A 370 23.06 0.67 13.24
CA GLU A 370 22.72 -0.70 12.85
C GLU A 370 22.90 -1.72 13.98
N ASN A 371 23.42 -1.25 15.12
CA ASN A 371 23.68 -2.10 16.32
C ASN A 371 23.25 -1.44 17.60
N GLY A 372 22.03 -1.73 18.02
CA GLY A 372 21.49 -1.07 19.21
C GLY A 372 20.21 -1.77 19.66
N PHE A 373 19.50 -1.14 20.59
CA PHE A 373 18.35 -1.74 21.20
C PHE A 373 17.39 -0.61 21.59
N SER A 374 16.14 -0.98 21.76
CA SER A 374 15.09 0.03 21.99
C SER A 374 14.31 -0.35 23.22
N LEU A 375 13.84 0.67 23.94
CA LEU A 375 12.82 0.45 24.93
C LEU A 375 11.61 1.23 24.53
N THR A 376 10.46 0.57 24.46
CA THR A 376 9.30 1.29 23.99
C THR A 376 8.17 1.33 25.03
N PRO A 377 8.08 2.41 25.81
CA PRO A 377 7.03 2.47 26.79
C PRO A 377 5.67 2.67 26.15
N ASN A 378 4.67 2.02 26.70
CA ASN A 378 3.32 2.26 26.22
C ASN A 378 2.35 2.50 27.37
N VAL A 379 1.29 3.25 27.08
CA VAL A 379 0.35 3.65 28.10
C VAL A 379 -0.73 2.55 28.05
N THR A 380 -0.84 1.81 29.15
CA THR A 380 -1.73 0.58 29.19
C THR A 380 -3.21 0.90 29.17
N HIS A 381 -3.61 2.02 29.78
CA HIS A 381 -5.01 2.42 29.86
C HIS A 381 -5.09 3.88 29.45
N ALA A 382 -4.77 4.12 28.19
CA ALA A 382 -4.83 5.45 27.64
C ALA A 382 -6.28 5.99 27.79
N ARG A 383 -6.37 7.25 28.14
CA ARG A 383 -7.66 7.91 28.36
C ARG A 383 -8.10 8.67 27.12
N SER A 384 -7.19 8.89 26.16
CA SER A 384 -7.65 9.49 24.89
C SER A 384 -8.64 8.60 24.18
N ARG A 385 -9.54 9.20 23.40
CA ARG A 385 -10.53 8.39 22.65
C ARG A 385 -10.67 8.98 21.22
N GLY A 386 -10.55 8.18 20.17
CA GLY A 386 -10.75 8.72 18.80
C GLY A 386 -11.95 8.11 18.09
N THR A 387 -11.89 8.13 16.75
CA THR A 387 -12.97 7.69 15.93
C THR A 387 -12.45 7.04 14.70
N VAL A 388 -13.35 6.25 14.09
CA VAL A 388 -13.18 5.74 12.78
C VAL A 388 -14.43 6.19 12.07
N ARG A 389 -14.22 6.90 10.96
CA ARG A 389 -15.29 7.45 10.14
C ARG A 389 -15.10 7.05 8.67
N LEU A 390 -16.21 7.05 7.93
CA LEU A 390 -16.16 6.88 6.47
C LEU A 390 -15.39 8.03 5.83
N ARG A 391 -14.58 7.74 4.82
CA ARG A 391 -14.07 8.83 3.95
C ARG A 391 -15.06 9.14 2.83
N SER A 392 -15.89 8.17 2.42
CA SER A 392 -16.86 8.42 1.34
C SER A 392 -17.81 7.26 1.33
N ARG A 393 -18.75 7.29 0.41
CA ARG A 393 -19.69 6.15 0.30
C ARG A 393 -19.06 4.97 -0.47
N ASP A 394 -17.78 5.10 -0.85
CA ASP A 394 -17.16 4.07 -1.72
C ASP A 394 -16.39 3.11 -0.85
N PHE A 395 -16.80 1.87 -0.82
CA PHE A 395 -16.10 0.86 0.05
C PHE A 395 -14.65 0.70 -0.22
N ARG A 396 -14.19 1.16 -1.37
CA ARG A 396 -12.77 0.95 -1.62
C ARG A 396 -11.94 2.03 -0.97
N ASP A 397 -12.58 3.12 -0.48
CA ASP A 397 -11.76 4.23 0.07
C ASP A 397 -11.42 3.88 1.52
N LYS A 398 -10.13 4.01 1.89
CA LYS A 398 -9.76 3.74 3.24
C LYS A 398 -10.56 4.67 4.23
N PRO A 399 -10.91 4.16 5.41
CA PRO A 399 -11.61 5.00 6.37
C PRO A 399 -10.70 6.07 6.98
N MET A 400 -11.31 7.09 7.58
CA MET A 400 -10.51 8.05 8.35
C MET A 400 -10.38 7.55 9.79
N VAL A 401 -9.13 7.37 10.20
CA VAL A 401 -8.81 6.80 11.44
C VAL A 401 -8.17 7.93 12.23
N ASP A 402 -8.87 8.34 13.29
CA ASP A 402 -8.37 9.45 14.13
C ASP A 402 -8.33 9.05 15.58
N PRO A 403 -7.22 8.46 16.02
CA PRO A 403 -7.17 8.05 17.41
C PRO A 403 -7.10 9.25 18.40
N ARG A 404 -6.92 10.47 17.95
CA ARG A 404 -6.69 11.62 18.91
C ARG A 404 -5.67 11.35 20.05
N TYR A 405 -4.52 10.82 19.71
CA TYR A 405 -3.47 10.57 20.72
C TYR A 405 -3.19 11.75 21.65
N PHE A 406 -3.04 11.48 22.95
CA PHE A 406 -2.58 12.52 23.87
C PHE A 406 -3.50 13.71 23.92
N THR A 407 -4.81 13.46 23.80
CA THR A 407 -5.77 14.55 23.96
C THR A 407 -6.66 14.41 25.19
N ASP A 408 -6.47 13.38 26.02
CA ASP A 408 -7.30 13.23 27.25
C ASP A 408 -7.17 14.51 28.10
N PRO A 409 -8.32 15.06 28.61
CA PRO A 409 -8.31 16.44 29.19
C PRO A 409 -7.41 16.52 30.43
N GLU A 410 -7.15 15.39 31.11
CA GLU A 410 -6.28 15.49 32.31
C GLU A 410 -4.74 15.33 31.99
N GLY A 411 -4.43 15.07 30.72
CA GLY A 411 -3.04 14.99 30.28
C GLY A 411 -2.38 13.71 30.80
N HIS A 412 -3.21 12.75 31.19
CA HIS A 412 -2.75 11.43 31.67
C HIS A 412 -1.83 10.70 30.67
N ASP A 413 -2.25 10.55 29.41
CA ASP A 413 -1.51 9.67 28.52
C ASP A 413 -0.05 10.21 28.40
N MET A 414 0.04 11.53 28.31
CA MET A 414 1.30 12.18 28.03
C MET A 414 2.19 12.10 29.30
N ARG A 415 1.59 12.31 30.48
CA ARG A 415 2.26 12.13 31.80
C ARG A 415 2.88 10.75 32.00
N VAL A 416 2.08 9.71 31.80
CA VAL A 416 2.61 8.35 31.87
C VAL A 416 3.70 8.12 30.86
N MET A 417 3.57 8.72 29.68
CA MET A 417 4.56 8.44 28.61
C MET A 417 5.93 9.13 28.98
N VAL A 418 5.90 10.33 29.49
CA VAL A 418 7.12 11.01 29.94
C VAL A 418 7.78 10.21 31.08
N ALA A 419 6.99 9.80 32.07
CA ALA A 419 7.52 8.92 33.11
C ALA A 419 8.13 7.59 32.57
N GLY A 420 7.59 7.06 31.48
CA GLY A 420 8.05 5.80 30.84
C GLY A 420 9.41 6.00 30.17
N ILE A 421 9.60 7.13 29.52
CA ILE A 421 10.90 7.51 28.99
C ILE A 421 11.92 7.66 30.10
N ARG A 422 11.57 8.39 31.16
CA ARG A 422 12.50 8.53 32.29
C ARG A 422 12.81 7.20 32.93
N LYS A 423 11.81 6.35 33.08
CA LYS A 423 12.04 5.01 33.61
C LYS A 423 12.90 4.12 32.65
N ALA A 424 12.65 4.21 31.35
CA ALA A 424 13.47 3.44 30.43
C ALA A 424 14.95 3.86 30.62
N ARG A 425 15.18 5.14 30.82
CA ARG A 425 16.60 5.60 30.91
C ARG A 425 17.21 5.19 32.23
N GLU A 426 16.37 5.15 33.29
CA GLU A 426 16.83 4.73 34.57
C GLU A 426 17.25 3.24 34.54
N ILE A 427 16.46 2.39 33.87
CA ILE A 427 16.77 1.00 33.76
C ILE A 427 18.03 0.82 32.96
N ALA A 428 18.14 1.51 31.82
CA ALA A 428 19.30 1.31 30.92
C ALA A 428 20.56 1.81 31.59
N ALA A 429 20.43 2.66 32.61
CA ALA A 429 21.63 3.20 33.27
C ALA A 429 22.07 2.37 34.54
N GLN A 430 21.42 1.24 34.83
CA GLN A 430 21.80 0.42 35.98
C GLN A 430 23.11 -0.32 35.71
N PRO A 431 23.85 -0.63 36.76
CA PRO A 431 25.18 -1.29 36.72
C PRO A 431 25.13 -2.54 35.85
N ALA A 432 24.04 -3.31 35.87
CA ALA A 432 24.00 -4.59 35.11
C ALA A 432 24.05 -4.34 33.59
N MET A 433 23.63 -3.14 33.18
CA MET A 433 23.64 -2.78 31.73
C MET A 433 24.91 -1.99 31.33
N ALA A 434 25.86 -1.77 32.24
CA ALA A 434 26.92 -0.79 31.92
C ALA A 434 27.79 -1.24 30.73
N GLU A 435 27.85 -2.52 30.45
CA GLU A 435 28.66 -2.96 29.31
C GLU A 435 27.85 -3.15 28.04
N TRP A 436 26.57 -2.74 28.08
CA TRP A 436 25.73 -2.77 26.92
C TRP A 436 25.33 -1.39 26.48
N THR A 437 24.84 -0.55 27.39
CA THR A 437 24.19 0.72 27.04
C THR A 437 25.24 1.72 26.55
N GLY A 438 25.20 2.05 25.27
CA GLY A 438 26.05 3.14 24.81
C GLY A 438 25.26 4.44 24.83
N ARG A 439 25.62 5.31 23.90
CA ARG A 439 24.95 6.56 23.68
C ARG A 439 23.40 6.43 23.46
N GLU A 440 22.63 7.32 24.10
CA GLU A 440 21.21 7.36 23.86
C GLU A 440 21.07 8.15 22.57
N LEU A 441 20.51 7.50 21.56
CA LEU A 441 20.31 8.11 20.26
C LEU A 441 19.03 8.94 20.20
N SER A 442 17.97 8.50 20.85
CA SER A 442 16.75 9.29 20.89
C SER A 442 16.03 8.97 22.22
N PRO A 443 15.48 9.96 22.88
CA PRO A 443 15.51 11.38 22.50
C PRO A 443 16.88 12.02 22.67
N GLY A 444 17.85 11.41 23.35
CA GLY A 444 19.18 12.02 23.50
C GLY A 444 19.24 12.78 24.82
N VAL A 445 20.45 12.87 25.39
CA VAL A 445 20.53 13.43 26.72
C VAL A 445 20.28 14.91 26.85
N GLU A 446 20.22 15.63 25.75
CA GLU A 446 19.87 17.05 25.80
C GLU A 446 18.37 17.23 26.13
N ALA A 447 17.56 16.16 26.00
CA ALA A 447 16.15 16.25 26.32
C ALA A 447 15.88 15.78 27.74
N GLN A 448 15.64 16.74 28.61
CA GLN A 448 15.54 16.53 30.02
C GLN A 448 14.23 17.05 30.66
N THR A 449 13.68 18.20 30.27
CA THR A 449 12.53 18.77 30.98
C THR A 449 11.22 18.12 30.46
N ASP A 450 10.15 18.24 31.23
CA ASP A 450 8.87 17.67 30.80
C ASP A 450 8.51 18.17 29.39
N GLU A 451 8.72 19.46 29.14
CA GLU A 451 8.49 20.11 27.82
C GLU A 451 9.29 19.47 26.68
N GLU A 452 10.58 19.27 26.86
CA GLU A 452 11.36 18.61 25.84
C GLU A 452 10.86 17.19 25.61
N LEU A 453 10.61 16.42 26.65
CA LEU A 453 10.20 15.07 26.44
C LEU A 453 8.77 15.04 25.78
N GLN A 454 7.87 15.97 26.14
CA GLN A 454 6.53 16.05 25.51
C GLN A 454 6.64 16.38 24.05
N ASP A 455 7.48 17.36 23.72
CA ASP A 455 7.71 17.74 22.33
C ASP A 455 8.26 16.51 21.49
N TYR A 456 9.28 15.82 22.02
CA TYR A 456 9.73 14.52 21.44
C TYR A 456 8.65 13.46 21.24
N ILE A 457 7.81 13.26 22.23
CA ILE A 457 6.75 12.23 22.14
C ILE A 457 5.72 12.54 21.02
N ARG A 458 5.30 13.78 20.95
CA ARG A 458 4.33 14.28 20.02
C ARG A 458 4.85 14.08 18.59
N LYS A 459 6.14 14.30 18.42
CA LYS A 459 6.79 14.05 17.14
C LYS A 459 7.05 12.58 16.75
N THR A 460 7.44 11.73 17.68
CA THR A 460 8.07 10.47 17.33
C THR A 460 7.23 9.30 17.83
N HIS A 461 6.12 9.52 18.49
CA HIS A 461 5.46 8.31 19.04
C HIS A 461 4.94 7.41 17.94
N ASN A 462 4.70 6.15 18.29
CA ASN A 462 4.09 5.16 17.45
C ASN A 462 2.86 4.60 18.18
N THR A 463 2.49 3.38 17.84
CA THR A 463 1.42 2.65 18.48
C THR A 463 1.98 1.21 18.74
N ALA A 464 1.42 0.56 19.75
CA ALA A 464 1.68 -0.85 19.95
C ALA A 464 0.95 -1.68 18.88
N TYR A 465 0.07 -1.03 18.11
CA TYR A 465 -0.80 -1.68 17.07
C TYR A 465 -2.01 -2.41 17.72
N HIS A 466 -2.65 -1.74 18.68
CA HIS A 466 -3.68 -2.42 19.52
C HIS A 466 -4.99 -1.59 19.47
N PRO A 467 -5.48 -1.21 18.27
CA PRO A 467 -6.70 -0.41 18.27
C PRO A 467 -7.85 -1.32 18.68
N VAL A 468 -8.73 -0.79 19.54
CA VAL A 468 -9.92 -1.52 20.01
C VAL A 468 -11.10 -0.63 20.21
N GLY A 469 -12.28 -1.27 20.35
CA GLY A 469 -13.41 -0.68 20.98
C GLY A 469 -14.34 0.26 20.20
N THR A 470 -14.22 0.26 18.87
CA THR A 470 -15.05 1.09 18.00
C THR A 470 -16.47 0.57 17.78
N VAL A 471 -16.77 -0.68 18.23
CA VAL A 471 -18.19 -1.19 18.16
C VAL A 471 -18.48 -1.93 19.46
N ARG A 472 -18.56 -1.15 20.56
CA ARG A 472 -18.45 -1.73 21.87
C ARG A 472 -19.79 -2.44 22.35
N MET A 473 -19.61 -3.46 23.22
CA MET A 473 -20.71 -4.08 23.92
C MET A 473 -20.99 -3.15 25.13
N GLY A 474 -22.19 -3.24 25.62
CA GLY A 474 -22.56 -2.49 26.81
C GLY A 474 -23.96 -2.87 27.23
N ALA A 475 -24.50 -2.08 28.15
CA ALA A 475 -25.86 -2.30 28.65
C ALA A 475 -26.89 -2.25 27.53
N VAL A 476 -27.90 -3.14 27.58
CA VAL A 476 -28.99 -3.07 26.64
C VAL A 476 -29.56 -1.65 26.48
N GLU A 477 -29.59 -0.87 27.55
CA GLU A 477 -30.22 0.48 27.47
C GLU A 477 -29.24 1.66 27.19
N ASP A 478 -27.96 1.36 26.95
CA ASP A 478 -26.95 2.37 26.63
C ASP A 478 -26.90 2.59 25.12
N GLU A 479 -27.42 3.74 24.67
CA GLU A 479 -27.47 4.07 23.23
C GLU A 479 -26.09 4.16 22.57
N MET A 480 -25.05 4.56 23.31
CA MET A 480 -23.69 4.64 22.77
C MET A 480 -22.98 3.31 22.63
N SER A 481 -23.58 2.22 23.10
CA SER A 481 -22.99 0.85 22.98
C SER A 481 -23.80 0.15 21.85
N PRO A 482 -23.21 0.03 20.66
CA PRO A 482 -23.92 -0.52 19.53
C PRO A 482 -24.27 -1.99 19.73
N LEU A 483 -23.53 -2.70 20.57
CA LEU A 483 -23.82 -4.14 20.87
C LEU A 483 -24.44 -4.40 22.26
N ASP A 484 -25.33 -5.39 22.37
CA ASP A 484 -25.74 -5.86 23.66
C ASP A 484 -24.66 -6.84 24.26
N PRO A 485 -24.80 -7.22 25.55
CA PRO A 485 -23.80 -8.10 26.16
C PRO A 485 -23.65 -9.46 25.46
N GLU A 486 -24.55 -9.76 24.53
CA GLU A 486 -24.47 -11.03 23.76
C GLU A 486 -23.90 -10.79 22.37
N LEU A 487 -23.39 -9.58 22.16
CA LEU A 487 -22.59 -9.26 20.97
C LEU A 487 -23.50 -9.03 19.77
N ARG A 488 -24.80 -8.96 20.00
CA ARG A 488 -25.78 -8.68 18.94
C ARG A 488 -25.84 -7.18 18.69
N VAL A 489 -25.89 -6.85 17.41
CA VAL A 489 -26.00 -5.50 16.95
C VAL A 489 -27.42 -5.08 17.22
N LYS A 490 -27.52 -4.04 18.04
CA LYS A 490 -28.82 -3.52 18.42
C LYS A 490 -29.48 -2.93 17.21
N GLY A 491 -30.77 -3.26 17.08
CA GLY A 491 -31.65 -2.55 16.15
C GLY A 491 -31.92 -3.36 14.89
N VAL A 492 -31.30 -4.54 14.79
CA VAL A 492 -31.37 -5.44 13.63
C VAL A 492 -31.33 -6.84 14.27
N THR A 493 -31.67 -7.92 13.58
CA THR A 493 -31.47 -9.23 14.16
C THR A 493 -30.56 -10.05 13.22
N GLY A 494 -30.10 -11.21 13.67
CA GLY A 494 -29.33 -12.10 12.80
C GLY A 494 -27.87 -11.64 12.65
N LEU A 495 -27.46 -10.60 13.39
CA LEU A 495 -26.12 -10.07 13.21
C LEU A 495 -25.35 -9.83 14.50
N ARG A 496 -24.12 -10.36 14.55
CA ARG A 496 -23.27 -10.17 15.70
C ARG A 496 -21.91 -9.69 15.27
N VAL A 497 -21.12 -9.15 16.21
CA VAL A 497 -19.77 -8.73 15.97
C VAL A 497 -18.82 -9.38 17.00
N ALA A 498 -17.71 -9.91 16.55
CA ALA A 498 -16.79 -10.55 17.46
C ALA A 498 -15.41 -10.33 16.92
N ASP A 499 -14.73 -9.38 17.52
CA ASP A 499 -13.32 -9.03 17.18
C ASP A 499 -12.98 -7.92 18.22
N ALA A 500 -11.79 -7.35 18.15
CA ALA A 500 -11.33 -6.30 19.09
C ALA A 500 -12.27 -5.06 19.20
N SER A 501 -13.11 -4.86 18.21
CA SER A 501 -14.00 -3.67 18.29
C SER A 501 -15.00 -3.71 19.46
N VAL A 502 -15.20 -4.89 20.06
CA VAL A 502 -16.26 -5.02 21.11
C VAL A 502 -15.86 -4.54 22.50
N MET A 503 -14.55 -4.41 22.74
CA MET A 503 -14.09 -4.16 24.10
C MET A 503 -14.62 -2.82 24.58
N PRO A 504 -15.17 -2.79 25.80
CA PRO A 504 -15.69 -1.49 26.29
C PRO A 504 -14.53 -0.63 26.87
N GLU A 505 -13.39 -1.26 27.12
CA GLU A 505 -12.29 -0.57 27.72
C GLU A 505 -11.12 -1.42 27.30
N HIS A 506 -9.99 -0.80 26.98
CA HIS A 506 -8.84 -1.62 26.54
C HIS A 506 -8.35 -2.48 27.70
N VAL A 507 -7.74 -3.62 27.44
CA VAL A 507 -7.02 -4.38 28.47
C VAL A 507 -5.56 -3.86 28.68
N THR A 508 -4.92 -4.25 29.77
CA THR A 508 -3.68 -3.67 30.18
C THR A 508 -2.54 -4.16 29.25
N VAL A 509 -2.72 -5.37 28.71
CA VAL A 509 -1.67 -6.13 27.99
C VAL A 509 -1.96 -6.20 26.48
N ASN A 510 -1.00 -6.82 25.75
CA ASN A 510 -1.16 -7.08 24.34
C ASN A 510 -2.47 -7.93 24.14
N PRO A 511 -3.42 -7.46 23.34
CA PRO A 511 -4.82 -7.99 23.34
C PRO A 511 -5.12 -9.24 22.48
N ASN A 512 -4.16 -9.74 21.70
CA ASN A 512 -4.46 -10.81 20.73
C ASN A 512 -5.17 -12.03 21.36
N ILE A 513 -4.61 -12.56 22.46
CA ILE A 513 -5.15 -13.78 23.02
C ILE A 513 -6.57 -13.52 23.54
N THR A 514 -6.73 -12.33 24.11
CA THR A 514 -8.04 -11.87 24.53
C THR A 514 -9.07 -11.81 23.36
N VAL A 515 -8.59 -11.33 22.18
CA VAL A 515 -9.49 -11.22 21.03
C VAL A 515 -9.90 -12.63 20.57
N MET A 516 -8.97 -13.57 20.57
CA MET A 516 -9.35 -14.98 20.31
C MET A 516 -10.33 -15.53 21.38
N MET A 517 -10.09 -15.17 22.67
CA MET A 517 -11.04 -15.53 23.72
C MET A 517 -12.50 -14.96 23.38
N ILE A 518 -12.53 -13.72 22.89
CA ILE A 518 -13.79 -13.10 22.49
C ILE A 518 -14.45 -13.89 21.37
N GLY A 519 -13.64 -14.38 20.42
CA GLY A 519 -14.15 -15.32 19.39
C GLY A 519 -14.74 -16.59 19.97
N GLU A 520 -14.02 -17.17 20.93
CA GLU A 520 -14.44 -18.45 21.55
C GLU A 520 -15.79 -18.18 22.26
N ARG A 521 -15.92 -17.01 22.92
CA ARG A 521 -17.13 -16.72 23.68
C ARG A 521 -18.36 -16.51 22.74
N CYS A 522 -18.14 -15.79 21.65
CA CYS A 522 -19.17 -15.55 20.63
C CYS A 522 -19.71 -16.88 20.07
N ALA A 523 -18.81 -17.77 19.69
CA ALA A 523 -19.26 -19.12 19.29
C ALA A 523 -20.16 -19.82 20.34
N ASP A 524 -19.76 -19.79 21.63
CA ASP A 524 -20.58 -20.31 22.71
C ASP A 524 -21.90 -19.56 22.84
N LEU A 525 -21.91 -18.21 22.70
CA LEU A 525 -23.15 -17.49 22.80
C LEU A 525 -24.10 -17.98 21.68
N ILE A 526 -23.55 -18.24 20.51
CA ILE A 526 -24.34 -18.60 19.38
C ILE A 526 -24.93 -20.00 19.58
N ARG A 527 -24.05 -20.95 19.96
CA ARG A 527 -24.45 -22.32 20.21
C ARG A 527 -25.49 -22.41 21.33
N SER A 528 -25.26 -21.69 22.44
CA SER A 528 -26.36 -21.71 23.42
C SER A 528 -27.66 -21.04 22.93
N ALA A 529 -27.59 -19.99 22.13
CA ALA A 529 -28.87 -19.35 21.68
C ALA A 529 -29.77 -20.28 20.82
N ARG A 530 -29.16 -21.20 20.08
CA ARG A 530 -29.92 -22.22 19.37
C ARG A 530 -29.99 -23.64 20.01
N MET B 1 23.84 -13.28 -13.36
CA MET B 1 23.14 -13.90 -12.21
C MET B 1 22.10 -13.00 -11.55
N HIS B 2 20.99 -13.61 -11.13
CA HIS B 2 19.98 -13.01 -10.29
C HIS B 2 20.40 -13.20 -8.80
N ILE B 3 20.39 -12.11 -8.02
CA ILE B 3 20.71 -12.15 -6.61
C ILE B 3 19.49 -11.50 -5.92
N ASP B 4 18.73 -12.29 -5.17
CA ASP B 4 17.63 -11.75 -4.36
C ASP B 4 17.94 -11.66 -2.84
N ASN B 5 19.22 -11.85 -2.45
CA ASN B 5 19.71 -11.75 -1.07
C ASN B 5 21.15 -11.24 -1.11
N ILE B 6 21.30 -9.97 -0.73
CA ILE B 6 22.54 -9.22 -0.82
C ILE B 6 23.71 -9.95 -0.18
N GLU B 7 23.46 -10.79 0.81
CA GLU B 7 24.55 -11.52 1.52
C GLU B 7 25.17 -12.55 0.59
N ASN B 8 24.42 -13.02 -0.40
CA ASN B 8 25.00 -13.86 -1.45
C ASN B 8 25.93 -13.14 -2.50
N LEU B 9 26.00 -11.81 -2.46
CA LEU B 9 26.89 -11.05 -3.37
C LEU B 9 28.22 -10.70 -2.71
N SER B 10 29.32 -11.16 -3.27
CA SER B 10 30.63 -10.87 -2.63
C SER B 10 31.42 -9.67 -3.23
N ASP B 11 31.35 -9.50 -4.55
CA ASP B 11 31.92 -8.33 -5.20
C ASP B 11 30.82 -7.27 -5.36
N ARG B 12 31.05 -6.06 -4.86
CA ARG B 12 30.00 -5.04 -4.90
C ARG B 12 30.41 -3.87 -5.75
N GLU B 13 31.40 -4.14 -6.60
CA GLU B 13 31.94 -3.12 -7.49
C GLU B 13 31.67 -3.54 -8.92
N PHE B 14 31.20 -2.63 -9.73
CA PHE B 14 30.85 -2.93 -11.11
C PHE B 14 31.35 -1.76 -11.92
N ASP B 15 31.39 -1.93 -13.23
CA ASP B 15 31.63 -0.81 -14.13
C ASP B 15 30.42 0.19 -14.16
N TYR B 16 29.21 -0.33 -14.27
CA TYR B 16 28.03 0.51 -14.33
C TYR B 16 26.99 -0.01 -13.36
N ILE B 17 26.19 0.87 -12.75
CA ILE B 17 25.09 0.43 -11.93
C ILE B 17 23.95 1.22 -12.46
N VAL B 18 22.86 0.52 -12.74
CA VAL B 18 21.67 1.17 -13.18
C VAL B 18 20.71 0.93 -12.04
N VAL B 19 20.14 2.03 -11.54
CA VAL B 19 19.22 1.98 -10.44
C VAL B 19 17.77 2.11 -10.95
N GLY B 20 17.00 1.03 -10.88
CA GLY B 20 15.56 1.02 -11.17
C GLY B 20 15.37 0.12 -12.38
N GLY B 21 14.65 -0.98 -12.25
CA GLY B 21 14.58 -1.91 -13.36
C GLY B 21 13.38 -1.69 -14.23
N GLY B 22 13.04 -0.41 -14.55
CA GLY B 22 11.81 -0.14 -15.31
C GLY B 22 11.90 -0.08 -16.81
N SER B 23 11.07 0.77 -17.43
CA SER B 23 11.06 0.81 -18.87
C SER B 23 12.45 1.23 -19.38
N ALA B 24 12.94 2.42 -19.02
CA ALA B 24 14.30 2.85 -19.52
C ALA B 24 15.43 1.99 -18.89
N GLY B 25 15.35 1.77 -17.59
CA GLY B 25 16.51 1.22 -16.86
C GLY B 25 16.84 -0.21 -17.31
N ALA B 26 15.82 -1.04 -17.53
CA ALA B 26 16.08 -2.40 -18.08
C ALA B 26 16.79 -2.33 -19.47
N ALA B 27 16.32 -1.41 -20.30
CA ALA B 27 16.93 -1.16 -21.58
C ALA B 27 18.39 -0.67 -21.42
N VAL B 28 18.60 0.39 -20.66
CA VAL B 28 19.97 0.81 -20.46
C VAL B 28 20.88 -0.34 -20.00
N ALA B 29 20.47 -1.09 -18.99
CA ALA B 29 21.34 -2.12 -18.43
C ALA B 29 21.68 -3.26 -19.42
N ALA B 30 20.65 -3.78 -20.09
CA ALA B 30 20.80 -4.78 -21.13
C ALA B 30 21.72 -4.32 -22.24
N ARG B 31 21.51 -3.11 -22.74
CA ARG B 31 22.31 -2.66 -23.85
C ARG B 31 23.75 -2.43 -23.39
N LEU B 32 23.98 -1.91 -22.18
CA LEU B 32 25.39 -1.72 -21.70
C LEU B 32 26.08 -3.06 -21.52
N SER B 33 25.32 -4.11 -21.24
CA SER B 33 25.91 -5.42 -20.95
C SER B 33 26.37 -6.10 -22.21
N GLU B 34 26.03 -5.56 -23.38
CA GLU B 34 26.35 -6.24 -24.63
C GLU B 34 27.79 -6.14 -24.97
N ASP B 35 28.54 -5.24 -24.29
CA ASP B 35 30.01 -5.24 -24.29
C ASP B 35 30.51 -6.22 -23.22
N PRO B 36 31.08 -7.37 -23.63
CA PRO B 36 31.50 -8.38 -22.66
C PRO B 36 32.60 -7.93 -21.68
N ALA B 37 33.35 -6.92 -22.04
CA ALA B 37 34.46 -6.47 -21.22
C ALA B 37 34.00 -5.63 -20.00
N VAL B 38 32.69 -5.35 -19.94
CA VAL B 38 32.17 -4.42 -18.99
C VAL B 38 31.20 -5.13 -18.07
N SER B 39 31.26 -4.84 -16.76
CA SER B 39 30.30 -5.41 -15.78
C SER B 39 29.14 -4.44 -15.44
N VAL B 40 27.91 -4.98 -15.46
CA VAL B 40 26.72 -4.18 -15.19
C VAL B 40 25.89 -4.80 -14.04
N ALA B 41 25.52 -3.94 -13.07
CA ALA B 41 24.50 -4.27 -12.07
C ALA B 41 23.19 -3.47 -12.31
N LEU B 42 22.05 -4.13 -12.22
CA LEU B 42 20.76 -3.44 -12.28
C LEU B 42 20.10 -3.72 -10.93
N VAL B 43 19.73 -2.66 -10.22
CA VAL B 43 19.24 -2.72 -8.86
C VAL B 43 17.81 -2.31 -8.92
N GLU B 44 16.94 -3.14 -8.37
CA GLU B 44 15.53 -2.88 -8.47
C GLU B 44 14.94 -3.12 -7.08
N ALA B 45 14.09 -2.20 -6.64
CA ALA B 45 13.43 -2.33 -5.32
C ALA B 45 12.40 -3.45 -5.24
N GLY B 46 11.61 -3.68 -6.30
CA GLY B 46 10.61 -4.75 -6.30
C GLY B 46 11.16 -6.12 -6.62
N PRO B 47 10.23 -7.12 -6.68
CA PRO B 47 10.69 -8.47 -6.85
C PRO B 47 10.97 -8.76 -8.34
N ASP B 48 11.63 -9.87 -8.60
CA ASP B 48 11.67 -10.45 -9.93
C ASP B 48 10.25 -10.64 -10.46
N ASP B 49 10.02 -10.42 -11.75
CA ASP B 49 8.69 -10.69 -12.35
C ASP B 49 8.58 -12.15 -12.95
N ARG B 50 9.70 -12.89 -13.09
CA ARG B 50 9.58 -14.28 -13.60
C ARG B 50 8.68 -15.08 -12.69
N GLY B 51 7.83 -15.92 -13.29
CA GLY B 51 6.91 -16.73 -12.49
C GLY B 51 5.81 -16.01 -11.74
N VAL B 52 5.51 -14.74 -12.07
CA VAL B 52 4.43 -14.05 -11.42
C VAL B 52 3.27 -13.80 -12.43
N PRO B 53 2.24 -14.65 -12.39
CA PRO B 53 1.32 -14.50 -13.50
C PRO B 53 0.54 -13.18 -13.49
N GLU B 54 0.28 -12.53 -12.36
CA GLU B 54 -0.49 -11.27 -12.31
C GLU B 54 0.27 -10.19 -13.07
N VAL B 55 1.58 -10.33 -13.15
CA VAL B 55 2.39 -9.32 -13.81
C VAL B 55 2.62 -9.69 -15.25
N LEU B 56 3.04 -10.92 -15.51
CA LEU B 56 3.24 -11.39 -16.88
C LEU B 56 2.01 -11.39 -17.83
N GLN B 57 0.82 -11.77 -17.34
CA GLN B 57 -0.39 -11.84 -18.14
C GLN B 57 -0.96 -10.48 -18.31
N LEU B 58 -0.87 -9.96 -19.53
CA LEU B 58 -1.25 -8.63 -19.80
C LEU B 58 -2.71 -8.43 -19.43
N ASP B 59 -3.62 -9.34 -19.80
CA ASP B 59 -5.04 -9.08 -19.53
C ASP B 59 -5.44 -8.96 -18.02
N ARG B 60 -4.44 -9.10 -17.14
CA ARG B 60 -4.65 -8.98 -15.67
C ARG B 60 -4.19 -7.66 -15.10
N TRP B 61 -3.77 -6.78 -15.96
CA TRP B 61 -3.05 -5.62 -15.48
C TRP B 61 -3.88 -4.78 -14.49
N MET B 62 -5.20 -4.72 -14.66
CA MET B 62 -5.97 -3.84 -13.77
C MET B 62 -5.98 -4.33 -12.33
N GLU B 63 -5.73 -5.61 -12.11
CA GLU B 63 -5.68 -6.10 -10.71
C GLU B 63 -4.40 -5.61 -9.95
N LEU B 64 -3.42 -5.07 -10.68
CA LEU B 64 -2.19 -4.71 -10.04
C LEU B 64 -2.32 -3.36 -9.29
N LEU B 65 -3.28 -2.52 -9.68
CA LEU B 65 -3.39 -1.17 -9.01
C LEU B 65 -3.61 -1.36 -7.49
N GLU B 66 -2.77 -0.73 -6.66
CA GLU B 66 -2.86 -0.87 -5.20
C GLU B 66 -2.60 -2.27 -4.65
N SER B 67 -1.97 -3.14 -5.43
CA SER B 67 -1.55 -4.40 -4.90
C SER B 67 -0.19 -4.16 -4.23
N GLY B 68 0.42 -5.26 -3.76
CA GLY B 68 1.79 -5.21 -3.29
C GLY B 68 2.76 -4.90 -4.40
N TYR B 69 2.28 -4.91 -5.66
CA TYR B 69 3.20 -4.55 -6.78
C TYR B 69 3.11 -3.06 -7.14
N ASP B 70 2.47 -2.25 -6.28
CA ASP B 70 2.23 -0.82 -6.56
C ASP B 70 2.84 0.02 -5.48
N TRP B 71 3.73 0.94 -5.76
CA TRP B 71 4.21 1.83 -4.68
C TRP B 71 3.06 2.72 -4.12
N ASP B 72 2.07 3.03 -4.95
CA ASP B 72 0.86 3.73 -4.57
C ASP B 72 1.05 5.13 -3.96
N TYR B 73 1.17 6.16 -4.80
CA TYR B 73 1.50 7.51 -4.36
C TYR B 73 0.26 8.38 -4.36
N PRO B 74 -0.35 8.61 -3.20
CA PRO B 74 -1.48 9.55 -3.31
C PRO B 74 -0.99 10.97 -3.60
N ILE B 75 -1.82 11.80 -4.18
CA ILE B 75 -1.38 13.14 -4.47
C ILE B 75 -1.75 14.15 -3.38
N GLU B 76 -1.14 15.33 -3.43
CA GLU B 76 -1.51 16.43 -2.55
C GLU B 76 -2.84 17.01 -2.92
N PRO B 77 -3.51 17.68 -1.97
CA PRO B 77 -4.82 18.25 -2.23
C PRO B 77 -4.69 19.15 -3.43
N GLN B 78 -5.71 19.08 -4.28
CA GLN B 78 -5.69 19.80 -5.58
C GLN B 78 -6.52 21.07 -5.52
N GLU B 79 -5.97 22.17 -5.95
CA GLU B 79 -6.79 23.38 -6.00
C GLU B 79 -7.87 23.40 -7.08
N ASN B 80 -7.73 22.59 -8.13
CA ASN B 80 -8.77 22.55 -9.15
C ASN B 80 -8.87 21.13 -9.74
N GLY B 81 -8.68 20.11 -8.92
CA GLY B 81 -8.69 18.74 -9.45
C GLY B 81 -9.13 17.77 -8.39
N ASN B 82 -8.81 16.49 -8.57
CA ASN B 82 -9.38 15.42 -7.76
C ASN B 82 -8.32 14.97 -6.74
N SER B 83 -8.48 15.41 -5.49
CA SER B 83 -7.60 15.09 -4.37
C SER B 83 -7.56 13.60 -3.92
N PHE B 84 -8.53 12.79 -4.39
CA PHE B 84 -8.55 11.33 -4.15
C PHE B 84 -7.72 10.52 -5.14
N MET B 85 -7.21 11.19 -6.16
CA MET B 85 -6.50 10.52 -7.22
C MET B 85 -5.22 9.90 -6.67
N ARG B 86 -4.88 8.70 -7.15
CA ARG B 86 -3.59 8.05 -6.79
C ARG B 86 -2.66 7.84 -8.03
N HIS B 87 -1.39 8.21 -7.95
CA HIS B 87 -0.46 7.82 -8.98
C HIS B 87 0.04 6.40 -8.71
N ALA B 88 -0.63 5.40 -9.26
CA ALA B 88 -0.07 4.04 -9.29
C ALA B 88 1.29 4.01 -9.96
N ARG B 89 2.25 3.38 -9.29
CA ARG B 89 3.59 3.20 -9.84
C ARG B 89 4.02 1.76 -9.55
N ALA B 90 4.53 1.02 -10.54
CA ALA B 90 4.85 -0.39 -10.27
C ALA B 90 6.12 -0.54 -9.49
N LYS B 91 6.10 -1.51 -8.59
CA LYS B 91 7.27 -1.84 -7.79
C LYS B 91 7.61 -3.33 -8.10
N VAL B 92 8.34 -3.53 -9.19
CA VAL B 92 8.65 -4.92 -9.64
C VAL B 92 9.58 -4.76 -10.84
N MET B 93 10.46 -5.73 -11.08
CA MET B 93 11.19 -5.83 -12.36
C MET B 93 10.29 -5.43 -13.59
N GLY B 94 10.82 -4.59 -14.48
CA GLY B 94 10.03 -4.02 -15.55
C GLY B 94 9.39 -2.68 -15.22
N GLY B 95 9.31 -2.32 -13.92
CA GLY B 95 8.63 -1.08 -13.51
C GLY B 95 7.23 -1.03 -14.11
N CYS B 96 6.81 0.15 -14.53
CA CYS B 96 5.44 0.37 -15.07
C CYS B 96 5.24 -0.35 -16.42
N SER B 97 6.31 -0.65 -17.13
CA SER B 97 6.12 -1.50 -18.29
C SER B 97 5.68 -2.90 -17.84
N SER B 98 5.80 -3.21 -16.54
CA SER B 98 5.22 -4.43 -16.01
C SER B 98 3.79 -4.30 -15.47
N HIS B 99 3.24 -3.07 -15.34
CA HIS B 99 1.87 -2.94 -14.86
C HIS B 99 0.91 -2.27 -15.80
N ASN B 100 1.39 -1.81 -16.98
CA ASN B 100 0.60 -0.89 -17.77
C ASN B 100 -0.28 -1.70 -18.79
N SER B 101 -1.01 -0.99 -19.63
CA SER B 101 -1.93 -1.60 -20.56
C SER B 101 -1.26 -1.92 -21.91
N CYS B 102 0.08 -1.77 -21.99
CA CYS B 102 0.86 -2.11 -23.20
C CYS B 102 0.49 -1.40 -24.48
N ILE B 103 -0.12 -0.23 -24.39
CA ILE B 103 -0.44 0.54 -25.60
C ILE B 103 0.86 1.15 -26.05
N ALA B 104 1.23 0.86 -27.30
CA ALA B 104 2.58 1.12 -27.84
C ALA B 104 2.51 2.13 -28.97
N PHE B 105 3.25 3.22 -28.90
CA PHE B 105 3.24 4.26 -29.91
C PHE B 105 4.65 4.77 -30.09
N TRP B 106 5.05 5.02 -31.34
CA TRP B 106 6.19 5.93 -31.60
C TRP B 106 5.70 7.38 -31.29
N ALA B 107 6.57 8.24 -30.76
CA ALA B 107 6.11 9.62 -30.52
C ALA B 107 6.04 10.28 -31.91
N PRO B 108 5.15 11.27 -32.07
CA PRO B 108 5.10 12.10 -33.27
C PRO B 108 6.47 12.76 -33.52
N ARG B 109 6.89 12.82 -34.80
CA ARG B 109 8.19 13.44 -35.09
C ARG B 109 8.15 14.86 -34.63
N GLU B 110 6.95 15.48 -34.64
CA GLU B 110 6.89 16.91 -34.30
C GLU B 110 7.19 17.15 -32.84
N ASP B 111 6.82 16.22 -31.92
CA ASP B 111 7.21 16.28 -30.50
C ASP B 111 8.74 16.12 -30.34
N LEU B 112 9.33 15.08 -30.95
CA LEU B 112 10.76 14.85 -30.76
C LEU B 112 11.62 16.01 -31.31
N ASP B 113 11.30 16.51 -32.48
CA ASP B 113 12.11 17.57 -33.12
C ASP B 113 12.09 18.86 -32.23
N GLU B 114 11.03 19.10 -31.45
CA GLU B 114 10.98 20.29 -30.54
C GLU B 114 11.89 20.14 -29.33
N TRP B 115 12.27 18.90 -28.96
CA TRP B 115 13.16 18.81 -27.79
C TRP B 115 14.44 19.63 -28.03
N GLU B 116 14.98 19.52 -29.24
CA GLU B 116 16.15 20.26 -29.66
C GLU B 116 15.78 21.64 -30.14
N ALA B 117 14.80 21.70 -31.04
CA ALA B 117 14.48 22.99 -31.69
C ALA B 117 13.99 24.01 -30.68
N LYS B 118 13.15 23.56 -29.77
CA LYS B 118 12.43 24.46 -28.86
C LYS B 118 12.98 24.52 -27.42
N TYR B 119 13.46 23.37 -26.92
CA TYR B 119 13.76 23.22 -25.51
C TYR B 119 15.25 23.03 -25.24
N GLY B 120 16.11 23.30 -26.21
CA GLY B 120 17.54 23.39 -25.92
C GLY B 120 18.28 22.04 -25.93
N ALA B 121 17.57 20.92 -26.09
CA ALA B 121 18.21 19.57 -25.89
C ALA B 121 18.93 19.09 -27.20
N THR B 122 20.13 19.62 -27.39
CA THR B 122 20.96 19.36 -28.53
C THR B 122 20.97 17.87 -28.87
N GLY B 123 20.72 17.54 -30.12
CA GLY B 123 20.78 16.12 -30.46
C GLY B 123 19.51 15.33 -30.19
N TRP B 124 18.51 15.91 -29.53
CA TRP B 124 17.29 15.10 -29.32
C TRP B 124 16.26 15.53 -30.39
N ASN B 125 16.09 14.67 -31.39
CA ASN B 125 15.17 14.95 -32.47
C ASN B 125 14.71 13.64 -33.12
N ALA B 126 13.89 13.72 -34.15
CA ALA B 126 13.36 12.48 -34.79
C ALA B 126 14.48 11.62 -35.42
N GLU B 127 15.44 12.29 -36.02
CA GLU B 127 16.58 11.66 -36.63
C GLU B 127 17.29 10.73 -35.63
N ALA B 128 17.39 11.20 -34.39
CA ALA B 128 18.10 10.42 -33.35
C ALA B 128 17.20 9.33 -32.83
N ALA B 129 15.91 9.63 -32.68
CA ALA B 129 14.93 8.65 -32.17
C ALA B 129 14.62 7.50 -33.13
N TRP B 130 14.41 7.81 -34.43
CA TRP B 130 13.85 6.84 -35.39
C TRP B 130 14.64 5.53 -35.47
N PRO B 131 15.97 5.61 -35.59
CA PRO B 131 16.68 4.33 -35.70
C PRO B 131 16.62 3.56 -34.38
N LEU B 132 16.33 4.25 -33.27
CA LEU B 132 16.27 3.64 -31.93
C LEU B 132 14.94 2.91 -31.76
N TYR B 133 13.84 3.56 -32.11
CA TYR B 133 12.55 2.85 -32.12
C TYR B 133 12.68 1.62 -33.05
N LYS B 134 13.35 1.80 -34.18
CA LYS B 134 13.56 0.69 -35.03
C LYS B 134 14.30 -0.49 -34.36
N ARG B 135 15.39 -0.18 -33.65
CA ARG B 135 16.22 -1.20 -32.97
C ARG B 135 15.47 -1.92 -31.82
N LEU B 136 14.60 -1.19 -31.14
CA LEU B 136 13.95 -1.76 -30.00
C LEU B 136 12.83 -2.74 -30.37
N GLU B 137 12.20 -2.60 -31.54
CA GLU B 137 10.92 -3.28 -31.78
C GLU B 137 11.05 -4.46 -32.75
N THR B 138 10.18 -5.44 -32.59
CA THR B 138 9.81 -6.35 -33.71
C THR B 138 8.38 -5.96 -33.94
N ASN B 139 8.13 -5.27 -35.05
CA ASN B 139 6.79 -4.82 -35.30
C ASN B 139 6.11 -5.69 -36.32
N GLU B 140 4.87 -6.11 -36.00
CA GLU B 140 4.02 -6.81 -36.99
C GLU B 140 3.89 -6.06 -38.35
N ASP B 141 3.95 -4.72 -38.37
CA ASP B 141 3.86 -3.94 -39.61
C ASP B 141 5.19 -3.76 -40.39
N ALA B 142 6.28 -4.30 -39.89
CA ALA B 142 7.55 -4.29 -40.63
C ALA B 142 7.50 -4.94 -42.06
N GLY B 143 8.17 -4.30 -43.00
CA GLY B 143 8.26 -4.80 -44.38
C GLY B 143 8.89 -3.74 -45.27
N PRO B 144 9.18 -4.08 -46.53
CA PRO B 144 9.86 -3.13 -47.45
C PRO B 144 9.03 -1.84 -47.73
N ASP B 145 7.71 -1.88 -47.61
CA ASP B 145 6.90 -0.70 -47.81
C ASP B 145 6.76 0.09 -46.49
N ALA B 146 7.43 -0.37 -45.42
CA ALA B 146 7.43 0.37 -44.16
C ALA B 146 8.81 0.29 -43.48
N PRO B 147 9.84 0.83 -44.16
CA PRO B 147 11.23 0.61 -43.76
C PRO B 147 11.62 1.31 -42.46
N HIS B 148 10.79 2.18 -41.88
CA HIS B 148 11.09 2.74 -40.59
C HIS B 148 11.03 1.65 -39.48
N HIS B 149 10.22 0.62 -39.69
CA HIS B 149 9.90 -0.38 -38.62
C HIS B 149 11.03 -1.36 -38.44
N GLY B 150 11.23 -1.79 -37.19
CA GLY B 150 12.11 -2.89 -36.87
C GLY B 150 11.41 -4.25 -37.06
N ASP B 151 12.14 -5.26 -37.49
CA ASP B 151 11.65 -6.62 -37.46
C ASP B 151 12.55 -7.55 -36.58
N SER B 152 13.49 -7.03 -35.79
CA SER B 152 14.43 -7.90 -35.06
C SER B 152 14.58 -7.51 -33.58
N GLY B 153 13.89 -6.46 -33.15
CA GLY B 153 14.19 -5.89 -31.81
C GLY B 153 13.49 -6.69 -30.72
N PRO B 154 13.88 -6.45 -29.48
CA PRO B 154 13.40 -7.28 -28.36
C PRO B 154 11.96 -7.05 -27.96
N VAL B 155 11.41 -5.87 -28.20
CA VAL B 155 10.08 -5.57 -27.72
C VAL B 155 9.10 -5.90 -28.85
N HIS B 156 8.28 -6.90 -28.69
CA HIS B 156 7.34 -7.27 -29.72
C HIS B 156 6.06 -6.41 -29.75
N LEU B 157 5.73 -5.84 -30.92
CA LEU B 157 4.53 -5.04 -31.07
C LEU B 157 3.65 -5.74 -32.03
N MET B 158 2.38 -5.84 -31.66
CA MET B 158 1.39 -6.56 -32.49
C MET B 158 0.18 -5.68 -32.60
N ASN B 159 -0.62 -5.94 -33.61
CA ASN B 159 -1.89 -5.25 -33.81
C ASN B 159 -2.94 -5.92 -32.98
N VAL B 160 -3.77 -5.15 -32.26
CA VAL B 160 -4.91 -5.76 -31.55
C VAL B 160 -5.93 -6.27 -32.61
N PRO B 161 -6.19 -7.59 -32.65
CA PRO B 161 -7.19 -8.07 -33.59
C PRO B 161 -8.54 -7.37 -33.37
N PRO B 162 -9.19 -6.95 -34.46
CA PRO B 162 -10.49 -6.26 -34.30
C PRO B 162 -11.65 -7.23 -33.98
N LYS B 163 -11.64 -7.80 -32.79
CA LYS B 163 -12.57 -8.85 -32.40
C LYS B 163 -13.79 -8.29 -31.61
N ASP B 164 -13.58 -7.23 -30.82
CA ASP B 164 -14.64 -6.66 -30.00
C ASP B 164 -15.72 -5.97 -30.87
N PRO B 165 -16.95 -6.54 -30.91
CA PRO B 165 -17.91 -5.92 -31.82
C PRO B 165 -18.36 -4.51 -31.41
N THR B 166 -18.31 -4.23 -30.14
CA THR B 166 -18.57 -2.89 -29.66
C THR B 166 -17.51 -1.94 -30.14
N GLY B 167 -16.25 -2.45 -30.26
CA GLY B 167 -15.13 -1.63 -30.68
C GLY B 167 -15.21 -1.30 -32.18
N VAL B 168 -15.54 -2.32 -32.98
CA VAL B 168 -15.72 -2.18 -34.41
C VAL B 168 -16.82 -1.11 -34.64
N ALA B 169 -17.95 -1.26 -33.93
CA ALA B 169 -19.05 -0.30 -34.09
C ALA B 169 -18.64 1.10 -33.59
N LEU B 170 -17.79 1.16 -32.59
CA LEU B 170 -17.34 2.48 -32.07
C LEU B 170 -16.56 3.19 -33.14
N LEU B 171 -15.73 2.44 -33.86
CA LEU B 171 -14.86 2.99 -34.94
C LEU B 171 -15.70 3.42 -36.15
N ASP B 172 -16.73 2.62 -36.48
CA ASP B 172 -17.73 3.00 -37.46
C ASP B 172 -18.41 4.34 -37.04
N ALA B 173 -18.76 4.48 -35.76
CA ALA B 173 -19.31 5.70 -35.20
C ALA B 173 -18.33 6.86 -35.31
N CYS B 174 -17.03 6.59 -35.02
CA CYS B 174 -15.96 7.59 -35.23
C CYS B 174 -15.99 8.15 -36.67
N GLU B 175 -15.98 7.22 -37.64
CA GLU B 175 -16.06 7.64 -39.05
C GLU B 175 -17.35 8.47 -39.31
N GLN B 176 -18.47 8.13 -38.65
CA GLN B 176 -19.73 8.85 -38.95
C GLN B 176 -19.63 10.26 -38.34
N ALA B 177 -18.84 10.38 -37.28
CA ALA B 177 -18.56 11.70 -36.67
C ALA B 177 -17.37 12.45 -37.26
N GLY B 178 -16.84 12.02 -38.41
CA GLY B 178 -15.76 12.77 -39.06
C GLY B 178 -14.32 12.38 -38.65
N ILE B 179 -14.15 11.21 -38.02
CA ILE B 179 -12.86 10.75 -37.51
C ILE B 179 -12.57 9.42 -38.21
N PRO B 180 -11.70 9.46 -39.21
CA PRO B 180 -11.55 8.20 -40.05
C PRO B 180 -10.72 7.13 -39.32
N ARG B 181 -10.77 5.90 -39.76
CA ARG B 181 -9.82 4.95 -39.33
C ARG B 181 -8.45 5.35 -39.81
N ALA B 182 -7.47 5.20 -38.95
CA ALA B 182 -6.09 5.56 -39.22
C ALA B 182 -5.13 4.43 -38.80
N LYS B 183 -4.03 4.35 -39.51
CA LYS B 183 -3.02 3.43 -39.18
C LYS B 183 -2.03 4.09 -38.22
N PHE B 184 -1.70 3.36 -37.14
CA PHE B 184 -0.78 3.86 -36.07
C PHE B 184 0.67 3.49 -36.36
N ASN B 185 1.61 4.28 -35.86
CA ASN B 185 3.06 3.99 -35.98
C ASN B 185 3.60 3.85 -37.39
N THR B 186 3.05 4.66 -38.31
CA THR B 186 3.55 4.66 -39.69
C THR B 186 4.71 5.64 -39.89
N GLY B 187 5.01 6.46 -38.89
CA GLY B 187 5.95 7.55 -39.08
C GLY B 187 5.25 8.87 -39.34
N THR B 188 3.99 8.81 -39.73
CA THR B 188 3.22 10.03 -39.90
C THR B 188 2.25 10.25 -38.75
N THR B 189 2.36 11.41 -38.13
CA THR B 189 1.48 11.72 -36.98
C THR B 189 -0.01 11.65 -37.31
N VAL B 190 -0.77 11.00 -36.45
CA VAL B 190 -2.23 10.94 -36.63
C VAL B 190 -2.82 12.12 -35.84
N VAL B 191 -3.35 13.11 -36.54
CA VAL B 191 -4.03 14.22 -35.88
C VAL B 191 -5.54 13.98 -35.76
N ASN B 192 -6.14 13.46 -36.82
CA ASN B 192 -7.57 13.14 -36.76
C ASN B 192 -7.76 11.70 -37.22
N GLY B 193 -8.04 10.76 -36.32
CA GLY B 193 -8.03 9.35 -36.73
C GLY B 193 -8.20 8.47 -35.50
N ALA B 194 -8.67 7.24 -35.73
CA ALA B 194 -8.95 6.31 -34.65
C ALA B 194 -8.62 4.85 -35.10
N ASN B 195 -8.23 3.99 -34.19
CA ASN B 195 -8.12 2.55 -34.53
C ASN B 195 -7.86 1.68 -33.31
N PHE B 196 -7.95 0.37 -33.51
CA PHE B 196 -7.43 -0.56 -32.56
C PHE B 196 -5.94 -0.25 -32.40
N PHE B 197 -5.43 -0.38 -31.18
CA PHE B 197 -4.01 -0.03 -30.96
C PHE B 197 -3.03 -1.07 -31.53
N GLN B 198 -1.75 -0.68 -31.62
CA GLN B 198 -0.68 -1.63 -31.52
C GLN B 198 -0.37 -1.79 -30.02
N ILE B 199 -0.05 -3.04 -29.64
CA ILE B 199 0.29 -3.28 -28.23
C ILE B 199 1.60 -3.98 -28.12
N ASN B 200 2.35 -3.77 -27.05
CA ASN B 200 3.60 -4.49 -26.97
C ASN B 200 3.34 -5.74 -26.13
N ARG B 201 2.97 -6.80 -26.80
CA ARG B 201 2.53 -8.04 -26.20
C ARG B 201 3.06 -9.18 -27.08
N ARG B 202 3.44 -10.30 -26.50
CA ARG B 202 3.86 -11.45 -27.25
C ARG B 202 2.61 -12.27 -27.58
N ALA B 203 2.75 -13.17 -28.55
CA ALA B 203 1.61 -13.97 -29.03
C ALA B 203 1.01 -14.86 -27.95
N ASP B 204 1.82 -15.24 -26.96
CA ASP B 204 1.24 -16.09 -25.93
C ASP B 204 0.46 -15.37 -24.83
N GLY B 205 0.36 -14.01 -24.87
CA GLY B 205 -0.45 -13.30 -23.85
C GLY B 205 0.38 -12.57 -22.80
N THR B 206 1.71 -12.81 -22.85
CA THR B 206 2.74 -12.19 -21.96
C THR B 206 3.08 -10.78 -22.40
N ARG B 207 2.95 -9.79 -21.52
CA ARG B 207 3.32 -8.43 -21.88
C ARG B 207 4.78 -8.42 -22.37
N SER B 208 5.06 -7.57 -23.35
CA SER B 208 6.46 -7.44 -23.80
C SER B 208 7.08 -6.27 -22.99
N SER B 209 7.22 -6.45 -21.69
CA SER B 209 7.74 -5.42 -20.74
C SER B 209 9.24 -5.30 -20.97
N SER B 210 9.83 -4.27 -20.36
CA SER B 210 11.23 -4.10 -20.63
C SER B 210 12.00 -5.23 -20.00
N SER B 211 11.49 -5.78 -18.89
CA SER B 211 12.18 -6.92 -18.23
C SER B 211 12.04 -8.20 -19.08
N VAL B 212 10.80 -8.54 -19.50
CA VAL B 212 10.59 -9.66 -20.42
C VAL B 212 11.48 -9.53 -21.69
N SER B 213 11.43 -8.36 -22.34
CA SER B 213 12.11 -8.12 -23.60
C SER B 213 13.63 -8.08 -23.47
N TYR B 214 14.14 -7.28 -22.54
CA TYR B 214 15.63 -7.05 -22.44
C TYR B 214 16.31 -7.88 -21.37
N ILE B 215 15.58 -8.23 -20.30
CA ILE B 215 16.24 -8.81 -19.13
C ILE B 215 16.20 -10.33 -19.02
N HIS B 216 15.01 -10.96 -19.27
CA HIS B 216 14.88 -12.39 -19.07
C HIS B 216 15.90 -13.19 -19.92
N PRO B 217 16.23 -12.71 -21.14
CA PRO B 217 17.20 -13.47 -21.95
C PRO B 217 18.66 -13.36 -21.49
N ILE B 218 19.01 -12.37 -20.66
CA ILE B 218 20.41 -12.18 -20.29
C ILE B 218 20.75 -12.42 -18.83
N VAL B 219 19.81 -12.97 -18.07
CA VAL B 219 19.94 -13.11 -16.61
C VAL B 219 21.18 -13.95 -16.26
N GLU B 220 21.47 -14.97 -17.06
CA GLU B 220 22.66 -15.77 -16.76
C GLU B 220 23.90 -15.20 -17.40
N GLN B 221 23.81 -14.03 -18.00
CA GLN B 221 24.95 -13.55 -18.73
C GLN B 221 26.14 -13.24 -17.78
N GLU B 222 27.34 -13.52 -18.25
CA GLU B 222 28.55 -13.48 -17.36
C GLU B 222 28.86 -12.12 -16.70
N ASN B 223 28.79 -11.06 -17.47
CA ASN B 223 29.08 -9.71 -17.00
C ASN B 223 27.84 -8.99 -16.38
N PHE B 224 26.77 -9.70 -16.04
CA PHE B 224 25.45 -9.05 -15.74
C PHE B 224 24.97 -9.53 -14.39
N THR B 225 24.60 -8.59 -13.57
CA THR B 225 24.18 -8.92 -12.22
C THR B 225 22.84 -8.26 -12.00
N LEU B 226 21.83 -9.07 -11.69
CA LEU B 226 20.48 -8.55 -11.41
C LEU B 226 20.22 -8.58 -9.90
N LEU B 227 19.96 -7.42 -9.30
CA LEU B 227 19.70 -7.32 -7.82
C LEU B 227 18.29 -6.84 -7.56
N THR B 228 17.43 -7.71 -7.01
CA THR B 228 15.98 -7.38 -6.82
C THR B 228 15.72 -7.26 -5.33
N GLY B 229 14.66 -6.57 -4.93
CA GLY B 229 14.35 -6.53 -3.52
C GLY B 229 15.24 -5.57 -2.79
N LEU B 230 15.97 -4.68 -3.51
CA LEU B 230 16.86 -3.74 -2.85
C LEU B 230 16.53 -2.27 -3.17
N ARG B 231 16.26 -1.48 -2.15
CA ARG B 231 15.85 -0.07 -2.35
C ARG B 231 16.99 0.89 -2.14
N ALA B 232 17.31 1.68 -3.16
CA ALA B 232 18.33 2.74 -3.05
C ALA B 232 17.77 3.82 -2.16
N ARG B 233 18.59 4.30 -1.20
CA ARG B 233 18.18 5.40 -0.35
C ARG B 233 19.03 6.68 -0.61
N GLN B 234 20.16 6.56 -1.30
CA GLN B 234 21.04 7.72 -1.56
C GLN B 234 22.03 7.33 -2.64
N LEU B 235 22.38 8.27 -3.51
CA LEU B 235 23.60 8.27 -4.28
C LEU B 235 24.76 8.85 -3.48
N VAL B 236 25.97 8.41 -3.79
CA VAL B 236 27.10 8.77 -2.99
C VAL B 236 28.18 9.35 -3.87
N PHE B 237 28.83 10.38 -3.39
CA PHE B 237 29.77 11.13 -4.20
C PHE B 237 31.10 11.23 -3.44
N ASP B 238 32.20 11.06 -4.16
CA ASP B 238 33.52 11.34 -3.56
C ASP B 238 33.76 12.86 -3.43
N ALA B 239 34.95 13.22 -2.97
CA ALA B 239 35.31 14.62 -2.83
C ALA B 239 35.55 15.27 -4.21
N ASP B 240 35.80 14.49 -5.27
CA ASP B 240 35.89 15.01 -6.63
C ASP B 240 34.49 15.39 -7.17
N ARG B 241 33.43 15.24 -6.38
CA ARG B 241 32.07 15.38 -6.88
C ARG B 241 31.78 14.28 -7.92
N ARG B 242 32.59 13.22 -7.98
CA ARG B 242 32.23 12.09 -8.83
C ARG B 242 31.25 11.13 -8.11
N CYS B 243 30.18 10.71 -8.79
CA CYS B 243 29.29 9.66 -8.24
C CYS B 243 30.04 8.32 -8.21
N THR B 244 30.15 7.74 -7.02
CA THR B 244 30.90 6.49 -6.87
C THR B 244 30.00 5.28 -6.63
N GLY B 245 28.70 5.49 -6.39
CA GLY B 245 27.90 4.34 -6.00
C GLY B 245 26.57 4.66 -5.44
N VAL B 246 25.95 3.66 -4.84
CA VAL B 246 24.65 3.84 -4.33
C VAL B 246 24.59 3.08 -3.04
N ASP B 247 23.94 3.71 -2.05
CA ASP B 247 23.51 3.03 -0.83
C ASP B 247 22.12 2.35 -1.01
N ILE B 248 22.03 1.05 -0.72
CA ILE B 248 20.78 0.30 -0.86
C ILE B 248 20.41 -0.45 0.45
N VAL B 249 19.13 -0.67 0.68
CA VAL B 249 18.68 -1.37 1.90
C VAL B 249 17.88 -2.61 1.49
N ASP B 250 18.09 -3.71 2.20
CA ASP B 250 17.31 -4.95 1.97
C ASP B 250 16.00 -4.99 2.76
N SER B 251 15.88 -4.08 3.73
CA SER B 251 14.55 -3.92 4.39
C SER B 251 14.25 -2.47 4.76
N ALA B 252 13.08 -2.18 5.31
CA ALA B 252 12.86 -0.82 5.91
C ALA B 252 13.62 -0.62 7.31
N PHE B 253 13.88 -1.73 8.05
CA PHE B 253 14.87 -1.73 9.16
C PHE B 253 16.16 -2.58 8.75
N GLY B 254 16.31 -2.79 7.43
CA GLY B 254 17.44 -3.46 6.90
C GLY B 254 18.59 -2.50 6.98
N HIS B 255 19.75 -3.09 7.13
CA HIS B 255 21.03 -2.43 7.04
C HIS B 255 21.30 -1.81 5.64
N THR B 256 22.25 -0.91 5.59
CA THR B 256 22.57 -0.21 4.39
C THR B 256 23.85 -0.85 3.78
N HIS B 257 23.83 -1.05 2.49
CA HIS B 257 24.96 -1.62 1.84
C HIS B 257 25.36 -0.78 0.66
N ARG B 258 26.64 -0.62 0.47
CA ARG B 258 27.20 0.14 -0.63
C ARG B 258 27.47 -0.71 -1.92
N LEU B 259 26.97 -0.25 -3.07
CA LEU B 259 27.39 -0.83 -4.37
C LEU B 259 28.20 0.24 -5.04
N THR B 260 29.31 -0.13 -5.65
CA THR B 260 30.26 0.87 -6.21
C THR B 260 30.35 0.75 -7.74
N ALA B 261 30.22 1.88 -8.43
CA ALA B 261 30.47 1.92 -9.87
C ALA B 261 31.86 2.51 -10.22
N ARG B 262 32.59 1.85 -11.12
CA ARG B 262 33.87 2.37 -11.62
C ARG B 262 33.66 3.46 -12.70
N ASN B 263 32.60 3.39 -13.48
CA ASN B 263 32.47 4.25 -14.63
C ASN B 263 31.28 5.20 -14.35
N GLU B 264 30.07 4.68 -14.40
CA GLU B 264 28.90 5.56 -14.24
C GLU B 264 27.76 4.89 -13.48
N VAL B 265 26.98 5.71 -12.81
CA VAL B 265 25.72 5.30 -12.30
C VAL B 265 24.64 5.91 -13.18
N VAL B 266 23.64 5.10 -13.55
CA VAL B 266 22.44 5.58 -14.23
C VAL B 266 21.23 5.39 -13.32
N LEU B 267 20.62 6.51 -12.95
CA LEU B 267 19.40 6.50 -12.20
C LEU B 267 18.17 6.45 -13.16
N SER B 268 17.33 5.44 -13.01
CA SER B 268 16.17 5.19 -13.82
C SER B 268 14.95 4.81 -12.96
N THR B 269 14.80 5.48 -11.83
CA THR B 269 13.79 5.12 -10.87
C THR B 269 12.45 5.78 -11.22
N GLY B 270 12.43 6.57 -12.31
CA GLY B 270 11.15 7.11 -12.86
C GLY B 270 10.88 8.54 -12.33
N ALA B 271 9.79 9.13 -12.79
CA ALA B 271 9.52 10.56 -12.69
C ALA B 271 9.16 11.01 -11.26
N ILE B 272 8.75 10.04 -10.42
CA ILE B 272 8.45 10.32 -9.07
C ILE B 272 9.65 10.01 -8.20
N ASP B 273 10.21 8.82 -8.32
CA ASP B 273 11.30 8.44 -7.44
C ASP B 273 12.65 9.05 -7.75
N THR B 274 12.88 9.41 -9.01
CA THR B 274 14.19 9.91 -9.38
C THR B 274 14.46 11.31 -8.77
N PRO B 275 13.51 12.23 -8.84
CA PRO B 275 13.79 13.54 -8.16
C PRO B 275 13.96 13.34 -6.67
N LYS B 276 13.17 12.43 -6.09
CA LYS B 276 13.32 12.12 -4.66
C LYS B 276 14.72 11.61 -4.34
N LEU B 277 15.18 10.57 -5.03
CA LEU B 277 16.53 10.11 -4.79
C LEU B 277 17.65 11.20 -4.96
N LEU B 278 17.51 12.06 -5.98
CA LEU B 278 18.44 13.14 -6.17
C LEU B 278 18.36 14.11 -5.02
N MET B 279 17.16 14.42 -4.54
CA MET B 279 17.13 15.43 -3.43
C MET B 279 17.73 14.87 -2.14
N LEU B 280 17.38 13.61 -1.88
CA LEU B 280 17.99 12.89 -0.75
C LEU B 280 19.52 12.84 -0.86
N SER B 281 20.06 12.95 -2.07
CA SER B 281 21.49 12.78 -2.25
C SER B 281 22.18 14.16 -2.30
N GLY B 282 21.44 15.23 -1.98
CA GLY B 282 22.00 16.56 -1.97
C GLY B 282 21.88 17.31 -3.32
N ILE B 283 21.00 16.88 -4.24
CA ILE B 283 20.91 17.54 -5.56
C ILE B 283 19.47 17.96 -5.76
N GLY B 284 19.22 19.25 -5.65
CA GLY B 284 17.82 19.75 -5.73
C GLY B 284 17.81 21.22 -5.35
N PRO B 285 16.61 21.80 -5.22
CA PRO B 285 16.45 23.23 -4.89
C PRO B 285 16.97 23.42 -3.50
N ALA B 286 17.99 24.29 -3.34
CA ALA B 286 18.72 24.46 -2.10
C ALA B 286 17.86 24.69 -0.85
N ALA B 287 16.92 25.62 -0.91
CA ALA B 287 16.10 25.95 0.27
C ALA B 287 15.17 24.79 0.60
N HIS B 288 14.72 24.00 -0.39
CA HIS B 288 13.87 22.85 -0.01
C HIS B 288 14.74 21.76 0.70
N LEU B 289 15.94 21.52 0.21
CA LEU B 289 16.81 20.57 0.86
C LEU B 289 17.22 21.01 2.29
N ALA B 290 17.54 22.30 2.45
CA ALA B 290 17.95 22.85 3.76
C ALA B 290 16.79 22.75 4.73
N GLU B 291 15.57 22.96 4.24
CA GLU B 291 14.48 22.86 5.17
C GLU B 291 14.26 21.43 5.75
N HIS B 292 14.82 20.39 5.08
CA HIS B 292 14.86 19.00 5.57
C HIS B 292 16.25 18.57 6.10
N GLY B 293 17.14 19.52 6.42
CA GLY B 293 18.48 19.22 6.97
C GLY B 293 19.44 18.46 6.04
N ILE B 294 19.22 18.55 4.73
CA ILE B 294 20.03 17.82 3.76
C ILE B 294 21.07 18.76 3.24
N GLU B 295 22.33 18.37 3.28
CA GLU B 295 23.40 19.23 2.78
C GLU B 295 23.32 19.34 1.25
N VAL B 296 23.39 20.56 0.75
CA VAL B 296 23.34 20.88 -0.67
C VAL B 296 24.71 20.64 -1.36
N LEU B 297 24.75 19.61 -2.19
CA LEU B 297 25.90 19.37 -3.03
C LEU B 297 25.77 20.20 -4.34
N VAL B 298 24.56 20.15 -4.95
CA VAL B 298 24.25 20.85 -6.14
C VAL B 298 22.92 21.58 -6.03
N ASP B 299 22.95 22.90 -6.18
CA ASP B 299 21.74 23.70 -6.14
C ASP B 299 21.19 23.57 -7.57
N SER B 300 20.13 22.76 -7.72
CA SER B 300 19.63 22.41 -9.04
C SER B 300 18.11 22.56 -8.90
N PRO B 301 17.62 23.76 -9.10
CA PRO B 301 16.22 24.09 -8.83
C PRO B 301 15.16 23.45 -9.71
N GLY B 302 15.53 22.91 -10.87
CA GLY B 302 14.55 22.27 -11.73
C GLY B 302 14.29 20.81 -11.32
N VAL B 303 15.02 20.31 -10.32
CA VAL B 303 14.76 18.93 -9.83
C VAL B 303 13.44 18.83 -9.07
N GLY B 304 12.51 17.98 -9.53
CA GLY B 304 11.21 17.91 -8.95
C GLY B 304 10.21 18.93 -9.51
N GLU B 305 10.65 19.88 -10.36
CA GLU B 305 9.72 20.86 -11.01
C GLU B 305 9.31 20.33 -12.38
N HIS B 306 8.34 20.98 -12.99
CA HIS B 306 7.97 20.75 -14.39
C HIS B 306 7.17 19.48 -14.53
N LEU B 307 6.57 19.03 -13.44
CA LEU B 307 5.88 17.78 -13.54
C LEU B 307 4.68 17.93 -14.48
N GLN B 308 4.65 16.98 -15.43
CA GLN B 308 3.62 16.89 -16.41
C GLN B 308 2.92 15.52 -16.42
N ASP B 309 1.66 15.54 -16.89
CA ASP B 309 0.88 14.34 -17.05
C ASP B 309 -0.13 14.55 -18.20
N HIS B 310 -0.82 13.48 -18.56
CA HIS B 310 -2.05 13.47 -19.38
C HIS B 310 -3.23 13.20 -18.44
N PRO B 311 -3.87 14.28 -17.93
CA PRO B 311 -5.04 14.13 -17.10
C PRO B 311 -6.16 13.53 -17.96
N GLU B 312 -7.07 12.80 -17.33
CA GLU B 312 -7.97 11.95 -18.03
C GLU B 312 -9.38 12.06 -17.46
N GLY B 313 -10.40 12.21 -18.32
CA GLY B 313 -11.76 12.27 -17.86
C GLY B 313 -12.43 10.96 -18.16
N VAL B 314 -13.69 10.79 -17.79
CA VAL B 314 -14.36 9.53 -18.11
C VAL B 314 -15.81 9.85 -18.42
N VAL B 315 -16.33 9.23 -19.46
CA VAL B 315 -17.76 9.19 -19.72
C VAL B 315 -18.10 7.74 -19.77
N GLN B 316 -19.08 7.34 -18.99
CA GLN B 316 -19.42 5.91 -18.83
C GLN B 316 -20.86 5.63 -19.33
N PHE B 317 -21.07 4.49 -19.99
CA PHE B 317 -22.35 4.12 -20.48
C PHE B 317 -22.68 2.70 -20.10
N GLU B 318 -23.98 2.43 -19.88
CA GLU B 318 -24.46 1.07 -19.75
C GLU B 318 -24.51 0.50 -21.21
N ALA B 319 -24.09 -0.76 -21.39
CA ALA B 319 -24.19 -1.35 -22.72
C ALA B 319 -25.60 -2.02 -22.90
N LYS B 320 -26.16 -2.00 -24.10
CA LYS B 320 -27.48 -2.59 -24.37
C LYS B 320 -27.42 -4.10 -24.70
N GLN B 321 -26.21 -4.64 -24.86
CA GLN B 321 -25.99 -6.05 -25.08
C GLN B 321 -24.82 -6.48 -24.20
N PRO B 322 -24.65 -7.81 -24.01
CA PRO B 322 -23.49 -8.27 -23.25
C PRO B 322 -22.14 -7.83 -23.87
N MET B 323 -21.28 -7.20 -23.07
CA MET B 323 -19.91 -6.86 -23.46
C MET B 323 -18.98 -8.05 -23.55
N VAL B 324 -17.92 -7.89 -24.32
CA VAL B 324 -17.01 -9.00 -24.50
C VAL B 324 -16.53 -9.49 -23.15
N ALA B 325 -16.21 -10.78 -23.12
CA ALA B 325 -15.86 -11.41 -21.85
C ALA B 325 -14.36 -11.55 -21.75
N GLU B 326 -13.67 -11.27 -22.86
CA GLU B 326 -12.23 -11.50 -23.02
C GLU B 326 -11.68 -10.33 -23.80
N SER B 327 -10.39 -10.04 -23.59
CA SER B 327 -9.76 -8.91 -24.19
C SER B 327 -8.22 -9.05 -24.16
N THR B 328 -7.55 -8.30 -25.00
CA THR B 328 -6.10 -8.15 -24.81
C THR B 328 -5.77 -7.36 -23.50
N GLN B 329 -6.41 -6.23 -23.28
CA GLN B 329 -6.05 -5.40 -22.11
C GLN B 329 -7.14 -4.43 -21.77
N TRP B 330 -8.36 -4.70 -22.31
CA TRP B 330 -9.62 -3.98 -22.00
C TRP B 330 -9.66 -2.54 -22.49
N TRP B 331 -8.58 -2.03 -23.10
CA TRP B 331 -8.57 -0.61 -23.54
C TRP B 331 -7.93 -0.57 -24.91
N GLU B 332 -8.68 -1.07 -25.88
CA GLU B 332 -8.04 -1.53 -27.11
C GLU B 332 -8.01 -0.52 -28.25
N ILE B 333 -8.71 0.61 -28.08
CA ILE B 333 -8.94 1.56 -29.11
C ILE B 333 -8.54 3.00 -28.63
N GLY B 334 -7.86 3.75 -29.50
CA GLY B 334 -7.63 5.13 -29.22
C GLY B 334 -8.15 5.98 -30.39
N ILE B 335 -8.54 7.22 -30.07
CA ILE B 335 -9.14 8.19 -30.95
C ILE B 335 -8.43 9.52 -30.74
N PHE B 336 -7.90 10.08 -31.83
CA PHE B 336 -7.21 11.32 -31.77
C PHE B 336 -8.02 12.33 -32.52
N THR B 337 -8.16 13.51 -31.98
CA THR B 337 -8.92 14.45 -32.68
C THR B 337 -8.40 15.83 -32.28
N PRO B 338 -8.44 16.81 -33.18
CA PRO B 338 -8.02 18.13 -32.70
C PRO B 338 -9.25 18.96 -32.31
N THR B 339 -9.18 19.74 -31.26
CA THR B 339 -10.32 20.62 -30.87
C THR B 339 -10.24 22.03 -31.51
N GLU B 340 -9.11 22.32 -32.11
CA GLU B 340 -8.89 23.62 -32.79
C GLU B 340 -8.18 23.37 -34.13
N ASP B 341 -8.23 24.38 -35.00
CA ASP B 341 -7.73 24.23 -36.37
C ASP B 341 -6.24 24.63 -36.41
N GLY B 342 -5.51 24.12 -37.39
CA GLY B 342 -4.06 24.47 -37.45
C GLY B 342 -3.09 23.67 -36.58
N LEU B 343 -3.49 22.48 -36.15
CA LEU B 343 -2.58 21.70 -35.27
C LEU B 343 -1.90 20.65 -36.08
N ASP B 344 -0.62 20.42 -35.76
CA ASP B 344 0.12 19.35 -36.39
C ASP B 344 0.17 18.12 -35.47
N ARG B 345 -0.42 18.24 -34.28
CA ARG B 345 -0.60 17.16 -33.31
C ARG B 345 -2.00 17.26 -32.70
N PRO B 346 -2.66 16.14 -32.44
CA PRO B 346 -4.02 16.27 -31.84
C PRO B 346 -3.81 16.82 -30.43
N ASP B 347 -4.75 17.62 -29.93
CA ASP B 347 -4.67 18.15 -28.56
C ASP B 347 -5.45 17.27 -27.54
N LEU B 348 -6.11 16.27 -28.09
CA LEU B 348 -7.05 15.45 -27.35
C LEU B 348 -6.87 14.00 -27.78
N MET B 349 -6.83 13.09 -26.85
CA MET B 349 -6.84 11.71 -27.25
C MET B 349 -7.96 11.03 -26.43
N MET B 350 -8.59 9.98 -26.93
CA MET B 350 -9.55 9.20 -26.15
C MET B 350 -9.27 7.74 -26.19
N HIS B 351 -9.38 7.06 -25.05
CA HIS B 351 -9.33 5.60 -25.02
C HIS B 351 -10.76 5.01 -24.88
N TYR B 352 -10.99 3.90 -25.52
CA TYR B 352 -12.21 3.17 -25.30
C TYR B 352 -11.89 1.95 -24.46
N GLY B 353 -12.61 1.82 -23.34
CA GLY B 353 -12.50 0.65 -22.48
C GLY B 353 -13.80 -0.15 -22.53
N SER B 354 -13.67 -1.48 -22.57
CA SER B 354 -14.83 -2.34 -22.77
C SER B 354 -15.44 -2.74 -21.41
N VAL B 355 -15.12 -1.95 -20.39
CA VAL B 355 -15.51 -2.12 -19.00
C VAL B 355 -15.99 -0.76 -18.39
N PRO B 356 -16.70 -0.80 -17.27
CA PRO B 356 -16.87 0.52 -16.61
C PRO B 356 -15.60 0.97 -15.91
N PHE B 357 -15.55 2.22 -15.53
CA PHE B 357 -14.36 2.65 -14.87
C PHE B 357 -14.82 3.63 -13.77
N ASP B 358 -15.28 3.08 -12.65
CA ASP B 358 -15.97 3.92 -11.69
C ASP B 358 -15.08 4.31 -10.49
N MET B 359 -13.77 4.12 -10.66
CA MET B 359 -12.76 4.45 -9.63
C MET B 359 -13.02 5.79 -8.94
N ASN B 360 -13.38 6.82 -9.72
CA ASN B 360 -13.54 8.17 -9.15
C ASN B 360 -14.99 8.65 -9.21
N THR B 361 -15.88 7.84 -9.77
CA THR B 361 -17.27 8.30 -9.84
C THR B 361 -18.16 7.74 -8.74
N LEU B 362 -17.82 6.53 -8.26
CA LEU B 362 -18.67 5.91 -7.28
C LEU B 362 -18.80 6.82 -6.01
N ARG B 363 -17.66 7.37 -5.57
CA ARG B 363 -17.66 8.13 -4.31
C ARG B 363 -18.48 9.43 -4.48
N HIS B 364 -18.76 9.85 -5.72
CA HIS B 364 -19.64 11.03 -5.90
C HIS B 364 -21.06 10.67 -6.16
N GLY B 365 -21.43 9.41 -6.03
CA GLY B 365 -22.86 9.10 -6.19
C GLY B 365 -23.37 8.68 -7.55
N TYR B 366 -22.47 8.59 -8.55
CA TYR B 366 -22.84 8.18 -9.92
C TYR B 366 -23.20 6.70 -10.00
N PRO B 367 -24.28 6.36 -10.71
CA PRO B 367 -24.64 4.93 -10.75
C PRO B 367 -23.63 4.16 -11.58
N THR B 368 -23.49 2.87 -11.34
CA THR B 368 -22.51 2.12 -12.08
C THR B 368 -23.16 0.85 -12.60
N THR B 369 -22.39 -0.05 -13.19
CA THR B 369 -22.97 -1.24 -13.85
C THR B 369 -21.88 -2.27 -13.91
N GLU B 370 -22.24 -3.49 -14.17
CA GLU B 370 -21.25 -4.51 -14.44
C GLU B 370 -21.17 -4.82 -15.92
N ASN B 371 -21.96 -4.12 -16.74
CA ASN B 371 -21.97 -4.30 -18.20
C ASN B 371 -22.04 -2.95 -18.97
N GLY B 372 -20.88 -2.41 -19.34
CA GLY B 372 -20.86 -1.07 -19.91
C GLY B 372 -19.50 -0.81 -20.48
N PHE B 373 -19.31 0.40 -21.01
CA PHE B 373 -18.06 0.72 -21.63
C PHE B 373 -17.79 2.14 -21.25
N SER B 374 -16.54 2.55 -21.40
CA SER B 374 -16.08 3.85 -20.95
C SER B 374 -15.29 4.48 -22.09
N LEU B 375 -15.48 5.79 -22.25
CA LEU B 375 -14.60 6.57 -23.09
C LEU B 375 -13.79 7.53 -22.23
N THR B 376 -12.49 7.61 -22.45
CA THR B 376 -11.69 8.42 -21.53
C THR B 376 -10.92 9.54 -22.26
N PRO B 377 -11.50 10.73 -22.37
CA PRO B 377 -10.65 11.78 -22.96
C PRO B 377 -9.43 12.18 -22.12
N ASN B 378 -8.32 12.44 -22.76
CA ASN B 378 -7.19 12.97 -22.12
C ASN B 378 -6.57 14.17 -22.84
N VAL B 379 -5.89 15.02 -22.07
CA VAL B 379 -5.25 16.16 -22.62
C VAL B 379 -3.83 15.87 -23.01
N THR B 380 -3.52 16.00 -24.32
CA THR B 380 -2.21 15.42 -24.83
C THR B 380 -1.01 16.30 -24.50
N HIS B 381 -1.20 17.62 -24.47
CA HIS B 381 -0.15 18.56 -24.05
C HIS B 381 -0.74 19.51 -23.03
N ALA B 382 -1.00 19.01 -21.84
CA ALA B 382 -1.55 19.78 -20.78
C ALA B 382 -0.51 20.91 -20.45
N ARG B 383 -1.01 22.08 -20.10
CA ARG B 383 -0.15 23.21 -19.85
C ARG B 383 0.06 23.38 -18.36
N SER B 384 -0.72 22.66 -17.55
CA SER B 384 -0.46 22.62 -16.09
C SER B 384 0.88 22.04 -15.74
N ARG B 385 1.50 22.57 -14.69
CA ARG B 385 2.82 22.08 -14.27
C ARG B 385 2.85 21.94 -12.73
N GLY B 386 3.36 20.81 -12.26
CA GLY B 386 3.35 20.53 -10.84
C GLY B 386 4.79 20.18 -10.35
N THR B 387 4.86 19.53 -9.18
CA THR B 387 6.11 19.32 -8.52
C THR B 387 6.06 18.00 -7.80
N VAL B 388 7.26 17.50 -7.54
CA VAL B 388 7.46 16.42 -6.66
C VAL B 388 8.46 16.96 -5.64
N ARG B 389 8.11 16.90 -4.35
CA ARG B 389 8.90 17.40 -3.27
C ARG B 389 9.09 16.32 -2.20
N LEU B 390 10.23 16.39 -1.49
CA LEU B 390 10.45 15.54 -0.32
C LEU B 390 9.34 15.82 0.67
N ARG B 391 8.82 14.73 1.25
CA ARG B 391 8.00 14.87 2.47
C ARG B 391 8.86 14.91 3.77
N SER B 392 10.06 14.32 3.78
CA SER B 392 10.97 14.47 4.92
C SER B 392 12.35 14.03 4.48
N ARG B 393 13.31 14.01 5.39
CA ARG B 393 14.63 13.55 5.03
C ARG B 393 14.69 11.99 5.06
N ASP B 394 13.56 11.33 5.26
CA ASP B 394 13.56 9.88 5.49
C ASP B 394 13.16 9.24 4.21
N PHE B 395 14.02 8.39 3.64
CA PHE B 395 13.76 7.73 2.33
C PHE B 395 12.52 6.86 2.28
N ARG B 396 12.04 6.40 3.43
CA ARG B 396 10.88 5.54 3.48
C ARG B 396 9.57 6.34 3.33
N ASP B 397 9.63 7.67 3.48
CA ASP B 397 8.45 8.50 3.34
C ASP B 397 8.20 8.83 1.87
N LYS B 398 7.01 8.52 1.41
CA LYS B 398 6.66 8.80 0.05
C LYS B 398 6.78 10.31 -0.20
N PRO B 399 7.07 10.68 -1.45
CA PRO B 399 7.17 12.08 -1.76
C PRO B 399 5.80 12.78 -1.86
N MET B 400 5.83 14.11 -1.84
CA MET B 400 4.73 14.97 -2.10
C MET B 400 4.62 15.24 -3.62
N VAL B 401 3.58 14.67 -4.21
CA VAL B 401 3.34 14.70 -5.61
C VAL B 401 2.16 15.62 -5.83
N ASP B 402 2.43 16.76 -6.48
CA ASP B 402 1.42 17.77 -6.64
C ASP B 402 1.35 18.16 -8.09
N PRO B 403 0.49 17.48 -8.86
CA PRO B 403 0.48 17.77 -10.30
C PRO B 403 -0.16 19.15 -10.67
N ARG B 404 -0.91 19.72 -9.76
CA ARG B 404 -1.68 20.96 -10.03
C ARG B 404 -2.55 20.84 -11.28
N TYR B 405 -3.26 19.75 -11.38
CA TYR B 405 -4.19 19.59 -12.48
C TYR B 405 -5.09 20.80 -12.69
N PHE B 406 -5.26 21.16 -13.97
CA PHE B 406 -6.18 22.19 -14.41
C PHE B 406 -5.93 23.54 -13.78
N THR B 407 -4.67 23.92 -13.61
CA THR B 407 -4.33 25.20 -13.05
C THR B 407 -3.68 26.15 -14.09
N ASP B 408 -3.30 25.65 -15.28
CA ASP B 408 -2.73 26.51 -16.32
C ASP B 408 -3.59 27.81 -16.57
N PRO B 409 -2.94 28.98 -16.62
CA PRO B 409 -3.65 30.27 -16.52
C PRO B 409 -4.60 30.55 -17.72
N GLU B 410 -4.35 29.98 -18.89
CA GLU B 410 -5.38 30.10 -19.98
C GLU B 410 -6.65 29.20 -19.84
N GLY B 411 -6.68 28.26 -18.87
CA GLY B 411 -7.85 27.30 -18.81
C GLY B 411 -7.83 26.32 -20.02
N HIS B 412 -6.65 26.11 -20.59
CA HIS B 412 -6.50 25.24 -21.75
C HIS B 412 -6.87 23.81 -21.42
N ASP B 413 -6.32 23.23 -20.37
CA ASP B 413 -6.49 21.79 -20.06
C ASP B 413 -7.98 21.45 -19.77
N MET B 414 -8.61 22.33 -18.99
CA MET B 414 -10.02 22.17 -18.70
C MET B 414 -10.87 22.31 -19.94
N ARG B 415 -10.52 23.26 -20.80
CA ARG B 415 -11.28 23.52 -22.05
C ARG B 415 -11.20 22.30 -22.94
N VAL B 416 -9.99 21.78 -23.11
CA VAL B 416 -9.84 20.58 -23.97
C VAL B 416 -10.60 19.45 -23.34
N MET B 417 -10.54 19.32 -22.01
CA MET B 417 -11.21 18.20 -21.37
C MET B 417 -12.75 18.27 -21.51
N VAL B 418 -13.32 19.47 -21.35
CA VAL B 418 -14.77 19.65 -21.62
C VAL B 418 -15.15 19.25 -23.07
N ALA B 419 -14.37 19.72 -24.04
CA ALA B 419 -14.62 19.40 -25.44
C ALA B 419 -14.47 17.86 -25.62
N GLY B 420 -13.53 17.26 -24.90
CA GLY B 420 -13.34 15.78 -24.93
C GLY B 420 -14.54 15.01 -24.45
N ILE B 421 -15.20 15.48 -23.39
CA ILE B 421 -16.43 14.83 -22.92
C ILE B 421 -17.58 15.03 -23.92
N ARG B 422 -17.73 16.24 -24.44
CA ARG B 422 -18.75 16.45 -25.47
C ARG B 422 -18.50 15.60 -26.70
N LYS B 423 -17.23 15.43 -27.06
CA LYS B 423 -16.83 14.61 -28.23
C LYS B 423 -17.14 13.14 -27.97
N ALA B 424 -16.81 12.67 -26.77
CA ALA B 424 -17.10 11.29 -26.42
C ALA B 424 -18.59 11.03 -26.55
N ARG B 425 -19.38 12.00 -26.08
CA ARG B 425 -20.82 11.94 -26.15
C ARG B 425 -21.31 11.92 -27.59
N GLU B 426 -20.72 12.79 -28.44
CA GLU B 426 -21.09 12.85 -29.86
C GLU B 426 -20.87 11.50 -30.58
N ILE B 427 -19.72 10.86 -30.33
CA ILE B 427 -19.32 9.59 -30.99
C ILE B 427 -20.24 8.46 -30.53
N ALA B 428 -20.46 8.39 -29.19
CA ALA B 428 -21.26 7.36 -28.63
C ALA B 428 -22.75 7.42 -29.07
N ALA B 429 -23.25 8.58 -29.52
CA ALA B 429 -24.60 8.80 -30.02
C ALA B 429 -24.74 8.57 -31.55
N GLN B 430 -23.65 8.26 -32.26
CA GLN B 430 -23.82 8.06 -33.72
C GLN B 430 -24.68 6.82 -34.05
N PRO B 431 -25.27 6.73 -35.27
CA PRO B 431 -26.10 5.54 -35.59
C PRO B 431 -25.33 4.22 -35.50
N ALA B 432 -24.03 4.20 -35.73
CA ALA B 432 -23.32 2.90 -35.72
C ALA B 432 -23.24 2.31 -34.30
N MET B 433 -23.41 3.17 -33.29
CA MET B 433 -23.45 2.66 -31.89
C MET B 433 -24.85 2.41 -31.34
N ALA B 434 -25.90 2.61 -32.14
CA ALA B 434 -27.26 2.62 -31.56
C ALA B 434 -27.67 1.31 -30.89
N GLU B 435 -27.16 0.17 -31.35
CA GLU B 435 -27.45 -1.11 -30.67
C GLU B 435 -26.54 -1.35 -29.44
N TRP B 436 -25.56 -0.47 -29.18
CA TRP B 436 -24.67 -0.58 -28.01
C TRP B 436 -24.90 0.47 -26.90
N THR B 437 -25.11 1.73 -27.32
CA THR B 437 -25.07 2.81 -26.36
C THR B 437 -26.36 2.86 -25.57
N GLY B 438 -26.23 2.55 -24.28
CA GLY B 438 -27.37 2.60 -23.33
C GLY B 438 -27.32 3.95 -22.59
N ARG B 439 -27.85 3.99 -21.37
CA ARG B 439 -27.88 5.21 -20.61
C ARG B 439 -26.43 5.69 -20.24
N GLU B 440 -26.23 7.01 -20.30
CA GLU B 440 -25.02 7.61 -19.82
C GLU B 440 -25.01 7.67 -18.30
N LEU B 441 -24.11 6.92 -17.66
CA LEU B 441 -24.07 6.78 -16.20
C LEU B 441 -23.28 7.93 -15.56
N SER B 442 -22.23 8.40 -16.24
CA SER B 442 -21.53 9.60 -15.77
C SER B 442 -20.90 10.34 -16.96
N PRO B 443 -20.91 11.68 -16.94
CA PRO B 443 -21.55 12.54 -15.92
C PRO B 443 -23.09 12.45 -15.92
N GLY B 444 -23.68 11.85 -16.94
CA GLY B 444 -25.17 11.80 -17.08
C GLY B 444 -25.69 12.99 -17.88
N VAL B 445 -26.80 12.78 -18.59
CA VAL B 445 -27.31 13.77 -19.55
C VAL B 445 -27.71 15.10 -18.88
N GLU B 446 -27.97 15.07 -17.58
CA GLU B 446 -28.34 16.23 -16.84
C GLU B 446 -27.23 17.27 -16.92
N ALA B 447 -25.97 16.84 -17.10
CA ALA B 447 -24.80 17.74 -17.13
C ALA B 447 -24.49 18.26 -18.52
N GLN B 448 -24.70 19.53 -18.68
CA GLN B 448 -24.78 20.03 -20.02
C GLN B 448 -23.92 21.29 -20.19
N THR B 449 -23.85 22.16 -19.19
CA THR B 449 -23.15 23.44 -19.39
C THR B 449 -21.68 23.24 -19.11
N ASP B 450 -20.85 24.19 -19.50
CA ASP B 450 -19.39 24.11 -19.27
C ASP B 450 -19.15 24.00 -17.79
N GLU B 451 -19.96 24.73 -17.03
CA GLU B 451 -19.82 24.81 -15.58
C GLU B 451 -20.12 23.44 -14.97
N GLU B 452 -21.20 22.80 -15.38
CA GLU B 452 -21.52 21.46 -14.87
C GLU B 452 -20.44 20.40 -15.24
N LEU B 453 -19.96 20.45 -16.47
CA LEU B 453 -18.91 19.55 -16.91
C LEU B 453 -17.58 19.86 -16.22
N GLN B 454 -17.27 21.15 -15.98
CA GLN B 454 -16.05 21.49 -15.22
C GLN B 454 -16.11 20.99 -13.77
N ASP B 455 -17.28 21.12 -13.13
CA ASP B 455 -17.47 20.57 -11.78
C ASP B 455 -17.26 19.05 -11.74
N TYR B 456 -17.90 18.36 -12.67
CA TYR B 456 -17.74 16.92 -12.84
C TYR B 456 -16.27 16.50 -13.02
N ILE B 457 -15.55 17.19 -13.86
CA ILE B 457 -14.20 16.81 -14.22
C ILE B 457 -13.24 17.00 -13.01
N ARG B 458 -13.40 18.15 -12.35
CA ARG B 458 -12.67 18.49 -11.12
C ARG B 458 -12.80 17.37 -10.05
N LYS B 459 -14.04 16.87 -9.89
CA LYS B 459 -14.36 15.85 -8.90
C LYS B 459 -13.91 14.42 -9.30
N THR B 460 -13.98 14.10 -10.58
CA THR B 460 -13.91 12.71 -11.00
C THR B 460 -12.71 12.38 -11.91
N HIS B 461 -11.93 13.39 -12.30
CA HIS B 461 -10.93 13.07 -13.31
C HIS B 461 -9.92 12.04 -12.76
N ASN B 462 -9.22 11.30 -13.63
CA ASN B 462 -8.10 10.50 -13.20
C ASN B 462 -6.82 10.98 -13.91
N THR B 463 -5.90 10.04 -14.11
CA THR B 463 -4.71 10.21 -14.89
C THR B 463 -4.59 9.07 -15.90
N ALA B 464 -3.91 9.31 -17.01
CA ALA B 464 -3.61 8.23 -17.91
C ALA B 464 -2.42 7.42 -17.35
N TYR B 465 -1.84 7.89 -16.25
CA TYR B 465 -0.68 7.30 -15.55
C TYR B 465 0.63 7.65 -16.27
N HIS B 466 0.77 8.90 -16.74
CA HIS B 466 1.93 9.25 -17.59
C HIS B 466 2.69 10.41 -16.96
N PRO B 467 3.07 10.34 -15.67
CA PRO B 467 3.76 11.51 -15.15
C PRO B 467 5.20 11.61 -15.79
N VAL B 468 5.61 12.79 -16.23
CA VAL B 468 6.96 12.94 -16.83
C VAL B 468 7.62 14.24 -16.43
N GLY B 469 8.93 14.33 -16.72
CA GLY B 469 9.52 15.67 -16.84
C GLY B 469 10.09 16.40 -15.63
N THR B 470 10.19 15.72 -14.51
CA THR B 470 10.63 16.26 -13.20
C THR B 470 12.13 16.34 -13.02
N VAL B 471 12.90 15.81 -13.98
CA VAL B 471 14.35 16.04 -14.02
C VAL B 471 14.81 16.26 -15.46
N ARG B 472 14.44 17.41 -16.02
CA ARG B 472 14.42 17.51 -17.47
C ARG B 472 15.81 17.78 -18.00
N MET B 473 16.03 17.34 -19.23
CA MET B 473 17.17 17.72 -20.00
C MET B 473 16.91 19.10 -20.58
N GLY B 474 18.00 19.84 -20.82
CA GLY B 474 17.90 21.10 -21.55
C GLY B 474 19.30 21.63 -21.88
N ALA B 475 19.37 22.92 -22.18
CA ALA B 475 20.60 23.51 -22.59
C ALA B 475 21.59 23.40 -21.43
N VAL B 476 22.86 23.22 -21.77
CA VAL B 476 23.96 23.37 -20.78
C VAL B 476 23.83 24.57 -19.85
N GLU B 477 23.45 25.74 -20.38
CA GLU B 477 23.40 27.00 -19.58
C GLU B 477 22.02 27.26 -18.92
N ASP B 478 21.04 26.39 -19.17
CA ASP B 478 19.73 26.55 -18.56
C ASP B 478 19.76 26.03 -17.11
N GLU B 479 19.65 26.92 -16.15
CA GLU B 479 19.66 26.54 -14.75
C GLU B 479 18.51 25.65 -14.32
N MET B 480 17.34 25.82 -14.93
CA MET B 480 16.19 25.08 -14.52
C MET B 480 16.15 23.72 -15.16
N SER B 481 17.19 23.36 -15.90
CA SER B 481 17.26 22.03 -16.48
C SER B 481 18.32 21.26 -15.77
N PRO B 482 17.95 20.24 -14.99
CA PRO B 482 19.02 19.58 -14.19
C PRO B 482 19.99 18.73 -15.03
N LEU B 483 19.60 18.39 -16.26
CA LEU B 483 20.45 17.51 -17.06
C LEU B 483 20.92 18.23 -18.30
N ASP B 484 22.15 17.95 -18.73
CA ASP B 484 22.56 18.44 -20.00
C ASP B 484 22.02 17.50 -21.07
N PRO B 485 22.26 17.82 -22.34
CA PRO B 485 21.63 17.04 -23.40
C PRO B 485 22.24 15.60 -23.58
N GLU B 486 23.27 15.27 -22.80
CA GLU B 486 23.79 13.91 -22.86
C GLU B 486 23.32 13.19 -21.59
N LEU B 487 22.40 13.85 -20.85
CA LEU B 487 21.69 13.27 -19.71
C LEU B 487 22.53 13.23 -18.45
N ARG B 488 23.68 13.91 -18.45
CA ARG B 488 24.52 14.00 -17.28
C ARG B 488 23.84 14.98 -16.33
N VAL B 489 23.76 14.61 -15.04
CA VAL B 489 23.31 15.53 -14.00
C VAL B 489 24.41 16.65 -13.84
N LYS B 490 24.02 17.91 -14.01
CA LYS B 490 24.95 19.01 -13.93
C LYS B 490 25.38 19.21 -12.49
N GLY B 491 26.65 19.60 -12.30
CA GLY B 491 27.19 19.88 -10.97
C GLY B 491 28.00 18.70 -10.43
N VAL B 492 27.95 17.53 -11.09
CA VAL B 492 28.54 16.30 -10.57
C VAL B 492 29.09 15.52 -11.80
N THR B 493 29.93 14.49 -11.58
CA THR B 493 30.29 13.63 -12.70
C THR B 493 29.92 12.21 -12.40
N GLY B 494 29.98 11.39 -13.45
CA GLY B 494 29.68 9.92 -13.40
C GLY B 494 28.22 9.59 -13.11
N LEU B 495 27.32 10.58 -13.30
CA LEU B 495 25.92 10.34 -12.98
C LEU B 495 25.00 10.79 -14.16
N ARG B 496 24.25 9.82 -14.70
CA ARG B 496 23.21 10.17 -15.68
C ARG B 496 21.85 9.74 -15.23
N VAL B 497 20.80 10.35 -15.82
CA VAL B 497 19.40 9.94 -15.56
C VAL B 497 18.76 9.52 -16.89
N ALA B 498 18.08 8.38 -16.89
CA ALA B 498 17.43 7.95 -18.06
C ALA B 498 16.14 7.26 -17.62
N ASP B 499 15.02 7.95 -17.77
CA ASP B 499 13.69 7.45 -17.47
C ASP B 499 12.76 8.59 -17.87
N ALA B 500 11.44 8.48 -17.57
CA ALA B 500 10.49 9.53 -17.99
C ALA B 500 10.76 10.94 -17.41
N SER B 501 11.53 11.04 -16.33
CA SER B 501 11.90 12.36 -15.71
C SER B 501 12.54 13.32 -16.70
N VAL B 502 13.16 12.79 -17.76
CA VAL B 502 14.04 13.68 -18.62
C VAL B 502 13.30 14.51 -19.65
N MET B 503 12.06 14.17 -19.98
CA MET B 503 11.40 14.80 -21.12
C MET B 503 11.24 16.28 -20.82
N PRO B 504 11.60 17.18 -21.78
CA PRO B 504 11.40 18.59 -21.58
C PRO B 504 9.96 18.98 -21.82
N GLU B 505 9.20 18.10 -22.47
CA GLU B 505 7.78 18.35 -22.72
C GLU B 505 7.17 16.96 -22.92
N HIS B 506 5.93 16.77 -22.47
CA HIS B 506 5.28 15.50 -22.67
C HIS B 506 5.16 15.16 -24.13
N VAL B 507 5.02 13.89 -24.49
CA VAL B 507 4.78 13.59 -25.89
C VAL B 507 3.24 13.43 -26.01
N THR B 508 2.73 13.39 -27.21
CA THR B 508 1.30 13.47 -27.47
C THR B 508 0.62 12.16 -27.08
N VAL B 509 1.38 11.05 -27.16
CA VAL B 509 0.87 9.69 -27.05
C VAL B 509 1.29 9.01 -25.74
N ASN B 510 0.76 7.79 -25.50
CA ASN B 510 1.18 6.93 -24.41
C ASN B 510 2.73 6.76 -24.53
N PRO B 511 3.52 7.17 -23.46
CA PRO B 511 4.99 7.39 -23.51
C PRO B 511 5.92 6.14 -23.29
N ASN B 512 5.36 4.98 -22.98
CA ASN B 512 6.19 3.81 -22.66
C ASN B 512 7.28 3.51 -23.70
N ILE B 513 6.92 3.41 -24.95
CA ILE B 513 7.90 3.04 -26.00
C ILE B 513 9.00 4.16 -26.16
N THR B 514 8.58 5.39 -25.94
CA THR B 514 9.52 6.50 -25.97
C THR B 514 10.50 6.47 -24.80
N VAL B 515 10.00 6.05 -23.62
CA VAL B 515 10.88 5.93 -22.46
C VAL B 515 11.89 4.79 -22.70
N MET B 516 11.47 3.69 -23.31
CA MET B 516 12.46 2.66 -23.66
C MET B 516 13.47 3.20 -24.66
N MET B 517 13.01 4.02 -25.64
CA MET B 517 13.90 4.65 -26.56
C MET B 517 14.95 5.57 -25.84
N ILE B 518 14.51 6.30 -24.84
CA ILE B 518 15.41 7.10 -24.00
C ILE B 518 16.47 6.23 -23.33
N GLY B 519 16.10 5.07 -22.85
CA GLY B 519 17.08 4.09 -22.30
C GLY B 519 18.04 3.65 -23.39
N GLU B 520 17.52 3.26 -24.54
CA GLU B 520 18.39 2.91 -25.66
C GLU B 520 19.39 4.04 -26.03
N ARG B 521 18.90 5.28 -26.11
CA ARG B 521 19.71 6.42 -26.38
C ARG B 521 20.84 6.58 -25.32
N CYS B 522 20.45 6.49 -24.06
CA CYS B 522 21.36 6.64 -22.95
C CYS B 522 22.45 5.58 -23.05
N ALA B 523 22.08 4.31 -23.28
CA ALA B 523 23.15 3.28 -23.45
C ALA B 523 24.11 3.73 -24.56
N ASP B 524 23.59 4.33 -25.66
CA ASP B 524 24.48 4.77 -26.75
C ASP B 524 25.44 5.89 -26.36
N LEU B 525 24.91 6.92 -25.67
CA LEU B 525 25.73 8.01 -25.18
C LEU B 525 26.85 7.48 -24.27
N ILE B 526 26.51 6.53 -23.41
CA ILE B 526 27.48 5.96 -22.50
C ILE B 526 28.51 5.10 -23.26
N ARG B 527 28.08 4.30 -24.23
CA ARG B 527 29.15 3.56 -24.89
C ARG B 527 30.12 4.44 -25.69
N SER B 528 29.58 5.46 -26.35
CA SER B 528 30.41 6.51 -26.94
C SER B 528 31.40 7.15 -25.98
N ALA B 529 30.92 7.55 -24.80
CA ALA B 529 31.81 8.16 -23.81
C ALA B 529 32.92 7.17 -23.35
N ARG B 530 32.56 5.90 -23.21
CA ARG B 530 33.51 4.85 -22.81
C ARG B 530 34.71 4.67 -23.78
PA FDA C . -7.98 -8.93 12.61
O1A FDA C . -7.38 -7.75 11.94
O2A FDA C . -7.16 -10.04 13.22
O5B FDA C . -9.11 -9.62 11.69
C5B FDA C . -9.86 -8.88 10.67
C4B FDA C . -9.76 -9.66 9.35
O4B FDA C . -10.80 -9.25 8.50
C3B FDA C . -8.43 -9.47 8.55
O3B FDA C . -8.00 -10.76 8.13
C2B FDA C . -8.82 -8.67 7.34
O2B FDA C . -8.07 -9.03 6.15
C1B FDA C . -10.30 -9.03 7.18
N9A FDA C . -11.08 -7.94 6.62
C8A FDA C . -11.01 -6.60 6.90
N7A FDA C . -11.94 -5.98 6.13
C5A FDA C . -12.60 -6.93 5.39
C6A FDA C . -13.66 -6.92 4.45
N6A FDA C . -14.24 -5.78 4.03
N1A FDA C . -14.07 -8.08 3.89
C2A FDA C . -13.49 -9.23 4.22
N3A FDA C . -12.50 -9.28 5.14
C4A FDA C . -12.04 -8.14 5.72
N1 FDA C . -1.25 -8.34 19.85
C2 FDA C . -0.72 -9.10 20.80
O2 FDA C . -1.51 -9.53 21.67
N3 FDA C . 0.60 -9.37 20.81
C4 FDA C . 1.39 -8.86 19.87
O4 FDA C . 2.73 -9.14 19.81
C4X FDA C . 0.80 -7.98 18.85
N5 FDA C . 1.60 -7.40 17.86
C5X FDA C . 0.98 -6.77 16.89
C6 FDA C . 1.54 -6.20 15.81
C7 FDA C . 1.14 -5.60 14.68
C7M FDA C . 1.95 -5.12 13.52
C8 FDA C . -0.32 -5.59 14.67
C8M FDA C . -0.70 -5.34 13.32
C9 FDA C . -1.06 -5.94 15.78
C9A FDA C . -0.45 -6.67 16.86
N10 FDA C . -1.20 -7.07 17.87
C10 FDA C . -0.55 -7.81 18.86
C1' FDA C . -2.66 -6.83 17.96
C2' FDA C . -3.53 -7.99 17.66
O2' FDA C . -2.82 -8.73 16.70
C3' FDA C . -4.78 -7.41 17.12
O3' FDA C . -5.37 -6.58 18.13
C4' FDA C . -5.79 -8.54 16.90
O4' FDA C . -5.23 -9.49 15.96
C5' FDA C . -7.04 -7.95 16.24
O5' FDA C . -7.83 -9.11 15.96
P FDA C . -9.28 -8.95 15.22
O1P FDA C . -9.91 -10.28 15.04
O2P FDA C . -10.05 -7.91 15.98
O3P FDA C . -8.90 -8.26 13.80
PA FDA D . 9.37 2.96 -14.21
O1A FDA D . 8.93 1.94 -15.18
O2A FDA D . 8.35 3.36 -13.12
O5B FDA D . 10.76 2.47 -13.60
C5B FDA D . 11.20 2.88 -12.29
C4B FDA D . 11.69 1.61 -11.58
O4B FDA D . 12.50 1.97 -10.48
C3B FDA D . 10.54 0.78 -11.02
O3B FDA D . 10.79 -0.62 -11.28
C2B FDA D . 10.62 0.98 -9.51
O2B FDA D . 10.19 -0.16 -8.74
C1B FDA D . 12.13 1.17 -9.33
N9A FDA D . 12.44 2.00 -8.18
C8A FDA D . 11.77 3.13 -7.75
N7A FDA D . 12.41 3.62 -6.60
C5A FDA D . 13.47 2.77 -6.37
C6A FDA D . 14.50 2.75 -5.42
N6A FDA D . 14.56 3.70 -4.42
N1A FDA D . 15.43 1.78 -5.48
C2A FDA D . 15.41 0.84 -6.44
N3A FDA D . 14.44 0.80 -7.33
C4A FDA D . 13.49 1.77 -7.34
N1 FDA D . 2.43 3.94 -21.13
C2 FDA D . 2.16 3.60 -22.39
O2 FDA D . 2.92 4.00 -23.29
N3 FDA D . 1.11 2.81 -22.67
C4 FDA D . 0.27 2.35 -21.74
O4 FDA D . -0.76 1.55 -22.06
C4X FDA D . 0.49 2.77 -20.35
N5 FDA D . -0.36 2.35 -19.37
C5X FDA D . -0.03 2.62 -18.13
C6 FDA D . -0.65 2.24 -16.99
C7 FDA D . -0.37 2.32 -15.67
C7M FDA D . -1.19 1.81 -14.54
C8 FDA D . 0.85 2.97 -15.45
C8M FDA D . 1.20 2.73 -14.06
C9 FDA D . 1.53 3.61 -16.48
C9A FDA D . 1.16 3.32 -17.86
N10 FDA D . 1.95 3.84 -18.81
C10 FDA D . 1.64 3.52 -20.12
C1' FDA D . 3.11 4.70 -18.49
C2' FDA D . 4.41 4.05 -18.77
O2' FDA D . 4.22 2.69 -18.40
C3' FDA D . 5.38 4.77 -17.87
O3' FDA D . 5.36 6.17 -18.27
C4' FDA D . 6.79 4.19 -18.10
O4' FDA D . 6.74 2.78 -17.81
C5' FDA D . 7.76 4.83 -17.09
O5' FDA D . 9.08 4.26 -17.31
P FDA D . 10.33 4.73 -16.37
O1P FDA D . 10.36 6.24 -16.31
O2P FDA D . 11.54 3.88 -16.72
O3P FDA D . 9.80 4.33 -14.90
#